data_8SLF
#
_entry.id   8SLF
#
_cell.length_a   173.757
_cell.length_b   86.297
_cell.length_c   98.986
_cell.angle_alpha   90.00
_cell.angle_beta   104.20
_cell.angle_gamma   90.00
#
_symmetry.space_group_name_H-M   'C 1 2 1'
#
loop_
_entity.id
_entity.type
_entity.pdbx_description
1 polymer 'Glycine--tRNA ligase'
2 non-polymer 'ADENOSINE MONOPHOSPHATE'
3 non-polymer 'MAGNESIUM ION'
4 non-polymer 'ZINC ION'
#
_entity_poly.entity_id   1
_entity_poly.type   'polypeptide(L)'
_entity_poly.pdbx_seq_one_letter_code
;MAHHHHHHMGTLEAQTQGPGSMASIIDTVANLAKRRGFVYQSGEIYGGTRSAWDYGPLGVELKENIKRQWWKSMVTARED
VVGIDTSIILPREVWVASGHVDVFHDPLVECLNCHRRHRQDHLQEALAGKKGLDNPDDVPMDEVVCPDCGTKGRWTEPRE
FNMMLKTYLGPIESDEGLHYLRPETAQGIFTNFANVVTTARKKPPFGIAQTGKSFRNEITPGNFIFRTREFEQMEMEFFV
EPSTAKEWHQYWIDTRLQWYVDLGIDRDNLRLYEHPPEKLSHYAERTVDIEYKYGFAGDPWGELEGIANRTDFDLSTHSK
HSGVDLSYYDQATDTRYVPYVIEPAAGLTRSLMAFLIDAYSEDEAPNAKGGVDKRTVLRFDPRLAPVKVAVLPLSRHADL
SPKARDLAAELRQHWNVEFDDAGAIGRRYRRQDEVGTPYCVTVDFDSLEDNAVTVRERDSMAQERISIDQVTDYLAVRLK
GC
;
_entity_poly.pdbx_strand_id   A,B
#
loop_
_chem_comp.id
_chem_comp.type
_chem_comp.name
_chem_comp.formula
AMP non-polymer 'ADENOSINE MONOPHOSPHATE' 'C10 H14 N5 O7 P'
MG non-polymer 'MAGNESIUM ION' 'Mg 2'
ZN non-polymer 'ZINC ION' 'Zn 2'
#
# COMPACT_ATOMS: atom_id res chain seq x y z
N ALA A 23 23.09 -10.76 -27.06
CA ALA A 23 22.83 -10.23 -25.72
C ALA A 23 21.68 -10.98 -25.05
N SER A 24 21.87 -11.33 -23.79
CA SER A 24 20.85 -12.05 -23.05
C SER A 24 19.57 -11.21 -22.96
N ILE A 25 18.45 -11.89 -22.78
CA ILE A 25 17.17 -11.21 -22.65
C ILE A 25 17.16 -10.37 -21.37
N ILE A 26 17.76 -10.87 -20.29
CA ILE A 26 17.73 -10.14 -19.03
C ILE A 26 18.40 -8.78 -19.21
N ASP A 27 19.57 -8.75 -19.86
CA ASP A 27 20.26 -7.48 -20.06
C ASP A 27 19.41 -6.51 -20.88
N THR A 28 18.74 -7.02 -21.92
CA THR A 28 17.91 -6.17 -22.77
C THR A 28 16.73 -5.60 -21.98
N VAL A 29 16.02 -6.46 -21.26
CA VAL A 29 14.91 -6.00 -20.45
C VAL A 29 15.37 -5.00 -19.41
N ALA A 30 16.53 -5.23 -18.81
CA ALA A 30 17.00 -4.31 -17.78
C ALA A 30 17.33 -2.95 -18.37
N ASN A 31 17.95 -2.94 -19.55
CA ASN A 31 18.20 -1.68 -20.25
C ASN A 31 16.89 -0.94 -20.52
N LEU A 32 15.90 -1.65 -21.06
CA LEU A 32 14.60 -1.01 -21.31
C LEU A 32 13.99 -0.48 -20.01
N ALA A 33 14.03 -1.28 -18.95
CA ALA A 33 13.45 -0.86 -17.68
C ALA A 33 14.13 0.40 -17.16
N LYS A 34 15.45 0.49 -17.31
CA LYS A 34 16.17 1.68 -16.85
C LYS A 34 15.83 2.88 -17.71
N ARG A 35 15.74 2.68 -19.03
CA ARG A 35 15.58 3.80 -19.94
C ARG A 35 14.20 4.44 -19.81
N ARG A 36 13.15 3.63 -19.70
CA ARG A 36 11.81 4.14 -19.58
C ARG A 36 11.40 4.41 -18.13
N GLY A 37 12.35 4.41 -17.21
CA GLY A 37 12.04 4.69 -15.83
C GLY A 37 11.10 3.70 -15.17
N PHE A 38 11.23 2.42 -15.52
CA PHE A 38 10.67 1.37 -14.67
C PHE A 38 11.42 1.32 -13.35
N VAL A 39 12.75 1.42 -13.39
CA VAL A 39 13.56 1.41 -12.18
C VAL A 39 14.70 2.41 -12.31
N TYR A 40 15.18 2.88 -11.16
CA TYR A 40 16.46 3.56 -11.05
C TYR A 40 17.23 2.90 -9.91
N GLN A 41 18.56 2.95 -9.96
CA GLN A 41 19.34 2.46 -8.82
C GLN A 41 19.19 3.42 -7.64
N SER A 42 18.86 2.89 -6.47
CA SER A 42 18.66 3.72 -5.30
C SER A 42 19.92 4.52 -4.99
N GLY A 43 19.76 5.83 -4.79
CA GLY A 43 20.90 6.68 -4.53
C GLY A 43 21.90 6.74 -5.65
N GLU A 44 21.43 6.63 -6.90
CA GLU A 44 22.33 6.59 -8.06
C GLU A 44 23.40 7.66 -7.98
N ILE A 45 23.00 8.90 -7.67
CA ILE A 45 23.96 9.99 -7.69
C ILE A 45 25.05 9.83 -6.63
N TYR A 46 24.85 8.93 -5.66
CA TYR A 46 25.84 8.66 -4.62
C TYR A 46 26.45 7.27 -4.78
N GLY A 47 26.26 6.61 -5.91
CA GLY A 47 26.78 5.27 -6.10
C GLY A 47 25.80 4.18 -5.73
N GLY A 48 25.14 3.61 -6.73
CA GLY A 48 24.15 2.59 -6.51
C GLY A 48 24.73 1.18 -6.63
N THR A 49 23.93 0.22 -6.16
CA THR A 49 24.26 -1.19 -6.29
C THR A 49 22.99 -1.92 -6.70
N ARG A 50 23.16 -3.12 -7.25
CA ARG A 50 22.00 -3.94 -7.58
C ARG A 50 21.31 -4.52 -6.34
N SER A 51 21.74 -4.13 -5.14
CA SER A 51 21.08 -4.54 -3.90
C SER A 51 19.98 -3.57 -3.49
N ALA A 52 19.79 -2.48 -4.23
CA ALA A 52 18.79 -1.47 -3.89
C ALA A 52 18.32 -0.80 -5.16
N TRP A 53 17.01 -0.81 -5.40
CA TRP A 53 16.43 -0.19 -6.59
C TRP A 53 15.16 0.56 -6.21
N ASP A 54 15.01 1.78 -6.73
CA ASP A 54 13.75 2.49 -6.72
C ASP A 54 12.96 2.13 -7.98
N TYR A 55 11.65 2.30 -7.87
CA TYR A 55 10.75 2.13 -9.01
C TYR A 55 10.30 3.50 -9.50
N GLY A 56 10.51 3.74 -10.80
CA GLY A 56 10.11 4.98 -11.42
C GLY A 56 8.64 5.01 -11.75
N PRO A 57 8.22 6.11 -12.39
CA PRO A 57 6.77 6.32 -12.58
C PRO A 57 6.05 5.12 -13.18
N LEU A 58 6.70 4.39 -14.09
CA LEU A 58 6.08 3.20 -14.66
C LEU A 58 6.26 1.98 -13.76
N GLY A 59 7.42 1.89 -13.11
CA GLY A 59 7.69 0.74 -12.25
C GLY A 59 6.75 0.67 -11.07
N VAL A 60 6.52 1.81 -10.41
CA VAL A 60 5.61 1.82 -9.28
C VAL A 60 4.24 1.33 -9.70
N GLU A 61 3.75 1.77 -10.86
CA GLU A 61 2.42 1.36 -11.27
C GLU A 61 2.37 -0.13 -11.59
N LEU A 62 3.38 -0.66 -12.31
CA LEU A 62 3.36 -2.11 -12.59
C LEU A 62 3.41 -2.91 -11.29
N LYS A 63 4.29 -2.50 -10.36
CA LYS A 63 4.39 -3.13 -9.05
C LYS A 63 3.04 -3.13 -8.35
N GLU A 64 2.44 -1.94 -8.17
CA GLU A 64 1.17 -1.85 -7.47
C GLU A 64 0.07 -2.61 -8.18
N ASN A 65 0.15 -2.74 -9.51
CA ASN A 65 -0.88 -3.51 -10.19
C ASN A 65 -0.72 -5.00 -9.92
N ILE A 66 0.52 -5.50 -9.89
CA ILE A 66 0.74 -6.89 -9.50
C ILE A 66 0.23 -7.15 -8.09
N LYS A 67 0.63 -6.28 -7.15
CA LYS A 67 0.17 -6.41 -5.77
C LYS A 67 -1.35 -6.40 -5.69
N ARG A 68 -2.00 -5.49 -6.43
CA ARG A 68 -3.44 -5.38 -6.35
C ARG A 68 -4.12 -6.62 -6.91
N GLN A 69 -3.56 -7.22 -7.97
CA GLN A 69 -4.17 -8.44 -8.51
C GLN A 69 -3.97 -9.62 -7.55
N TRP A 70 -2.82 -9.67 -6.89
CA TRP A 70 -2.60 -10.71 -5.87
C TRP A 70 -3.61 -10.56 -4.75
N TRP A 71 -3.80 -9.33 -4.25
CA TRP A 71 -4.72 -9.14 -3.14
C TRP A 71 -6.16 -9.41 -3.56
N LYS A 72 -6.51 -9.08 -4.80
CA LYS A 72 -7.85 -9.38 -5.29
C LYS A 72 -8.08 -10.88 -5.36
N SER A 73 -7.08 -11.63 -5.86
CA SER A 73 -7.24 -13.08 -5.98
C SER A 73 -7.28 -13.74 -4.61
N MET A 74 -6.48 -13.26 -3.67
CA MET A 74 -6.35 -13.93 -2.39
C MET A 74 -7.43 -13.50 -1.40
N VAL A 75 -7.57 -12.21 -1.14
CA VAL A 75 -8.33 -11.72 0.01
C VAL A 75 -9.75 -11.34 -0.37
N THR A 76 -9.89 -10.44 -1.36
CA THR A 76 -11.21 -9.89 -1.70
C THR A 76 -12.10 -10.97 -2.27
N ALA A 77 -11.54 -11.81 -3.14
CA ALA A 77 -12.28 -12.79 -3.90
C ALA A 77 -12.68 -14.01 -3.09
N ARG A 78 -11.96 -14.29 -2.00
CA ARG A 78 -12.15 -15.54 -1.26
C ARG A 78 -12.86 -15.23 0.04
N GLU A 79 -13.93 -15.98 0.31
CA GLU A 79 -14.57 -15.89 1.62
C GLU A 79 -13.62 -16.35 2.70
N ASP A 80 -12.81 -17.36 2.43
CA ASP A 80 -12.01 -18.05 3.44
C ASP A 80 -10.63 -17.43 3.64
N VAL A 81 -10.37 -16.26 3.07
CA VAL A 81 -9.12 -15.56 3.31
C VAL A 81 -9.40 -14.10 3.67
N VAL A 82 -8.71 -13.62 4.70
CA VAL A 82 -8.80 -12.25 5.18
C VAL A 82 -7.39 -11.70 5.25
N GLY A 83 -7.29 -10.37 5.28
CA GLY A 83 -6.01 -9.72 5.22
C GLY A 83 -5.51 -9.23 6.57
N ILE A 84 -4.26 -8.79 6.56
CA ILE A 84 -3.63 -8.20 7.73
C ILE A 84 -2.42 -7.43 7.22
N ASP A 85 -1.90 -6.55 8.07
CA ASP A 85 -0.65 -5.84 7.77
C ASP A 85 0.04 -5.60 9.11
N THR A 86 1.19 -6.23 9.31
CA THR A 86 1.88 -6.17 10.59
C THR A 86 3.19 -5.39 10.46
N SER A 87 3.68 -4.92 11.60
CA SER A 87 4.83 -4.04 11.60
C SER A 87 6.08 -4.76 11.11
N ILE A 88 7.00 -3.97 10.56
CA ILE A 88 8.30 -4.47 10.16
C ILE A 88 9.11 -4.89 11.38
N ILE A 89 9.04 -4.09 12.45
CA ILE A 89 9.83 -4.31 13.65
C ILE A 89 8.91 -4.89 14.72
N LEU A 90 9.07 -6.17 15.02
CA LEU A 90 8.33 -6.84 16.06
C LEU A 90 9.19 -7.07 17.28
N PRO A 91 8.58 -7.45 18.41
CA PRO A 91 9.37 -7.79 19.61
C PRO A 91 10.43 -8.84 19.30
N ARG A 92 11.56 -8.75 20.00
CA ARG A 92 12.67 -9.66 19.75
C ARG A 92 12.32 -11.10 20.12
N GLU A 93 11.41 -11.28 21.07
CA GLU A 93 11.02 -12.65 21.44
C GLU A 93 10.36 -13.38 20.29
N VAL A 94 9.71 -12.64 19.37
CA VAL A 94 9.09 -13.27 18.20
C VAL A 94 10.13 -14.05 17.40
N TRP A 95 11.28 -13.42 17.13
CA TRP A 95 12.33 -14.06 16.35
C TRP A 95 13.20 -14.98 17.20
N VAL A 96 13.09 -14.92 18.53
CA VAL A 96 13.64 -16.01 19.33
C VAL A 96 12.75 -17.25 19.25
N ALA A 97 11.44 -17.06 19.05
CA ALA A 97 10.50 -18.18 19.06
C ALA A 97 10.38 -18.82 17.68
N SER A 98 10.46 -18.02 16.62
CA SER A 98 10.39 -18.59 15.27
C SER A 98 11.67 -19.33 14.88
N GLY A 99 12.69 -19.29 15.73
CA GLY A 99 13.95 -19.94 15.44
C GLY A 99 14.89 -19.18 14.53
N HIS A 100 14.54 -17.95 14.11
CA HIS A 100 15.41 -17.19 13.22
C HIS A 100 16.68 -16.75 13.94
N VAL A 101 16.61 -16.45 15.23
CA VAL A 101 17.79 -16.00 15.97
C VAL A 101 18.85 -17.09 16.02
N ASP A 102 18.44 -18.36 16.01
CA ASP A 102 19.35 -19.47 16.23
C ASP A 102 19.78 -20.19 14.95
N VAL A 103 18.96 -20.18 13.91
CA VAL A 103 19.25 -20.99 12.72
C VAL A 103 19.28 -20.21 11.42
N PHE A 104 18.76 -18.98 11.35
CA PHE A 104 18.69 -18.21 10.10
C PHE A 104 20.08 -17.66 9.73
N ASN A 162 24.56 -14.53 10.83
CA ASN A 162 23.12 -14.28 10.83
C ASN A 162 22.74 -13.27 9.75
N MET A 163 21.59 -13.50 9.10
CA MET A 163 21.17 -12.70 7.97
C MET A 163 20.21 -11.57 8.35
N MET A 164 19.75 -11.51 9.60
CA MET A 164 18.78 -10.51 9.99
C MET A 164 19.47 -9.17 10.20
N LEU A 165 18.76 -8.09 9.83
CA LEU A 165 19.25 -6.73 10.05
C LEU A 165 18.82 -6.27 11.43
N LYS A 166 19.76 -5.70 12.18
CA LYS A 166 19.48 -5.22 13.53
C LYS A 166 19.21 -3.72 13.53
N THR A 167 18.51 -3.28 14.57
CA THR A 167 18.31 -1.86 14.84
C THR A 167 18.11 -1.72 16.34
N TYR A 168 18.26 -0.50 16.85
CA TYR A 168 18.17 -0.24 18.27
C TYR A 168 17.10 0.80 18.53
N LEU A 169 16.08 0.43 19.29
CA LEU A 169 15.00 1.35 19.63
C LEU A 169 15.23 1.90 21.03
N GLY A 170 14.68 3.08 21.28
CA GLY A 170 14.78 3.70 22.57
C GLY A 170 16.01 4.58 22.71
N PRO A 171 16.11 5.28 23.84
CA PRO A 171 17.24 6.21 24.02
C PRO A 171 18.57 5.50 24.29
N ILE A 172 18.55 4.26 24.76
CA ILE A 172 19.77 3.52 25.09
C ILE A 172 20.09 2.54 23.97
N GLU A 173 21.24 2.72 23.33
CA GLU A 173 21.70 1.85 22.25
C GLU A 173 22.48 0.70 22.89
N SER A 174 21.77 -0.38 23.21
CA SER A 174 22.37 -1.55 23.84
C SER A 174 21.54 -2.78 23.46
N ASP A 175 21.84 -3.91 24.09
CA ASP A 175 21.07 -5.13 23.84
C ASP A 175 19.68 -5.09 24.46
N GLU A 176 19.38 -4.07 25.26
CA GLU A 176 18.00 -3.89 25.71
C GLU A 176 17.10 -3.53 24.54
N GLY A 177 17.47 -2.50 23.79
CA GLY A 177 16.72 -2.03 22.66
C GLY A 177 16.95 -2.76 21.37
N LEU A 178 17.80 -3.80 21.37
CA LEU A 178 18.05 -4.54 20.14
C LEU A 178 16.74 -5.12 19.61
N HIS A 179 16.45 -4.82 18.35
CA HIS A 179 15.31 -5.38 17.63
C HIS A 179 15.80 -5.80 16.24
N TYR A 180 15.01 -6.64 15.59
CA TYR A 180 15.36 -7.14 14.26
C TYR A 180 14.33 -6.65 13.26
N LEU A 181 14.79 -6.30 12.05
CA LEU A 181 13.89 -6.03 10.93
C LEU A 181 13.49 -7.36 10.32
N ARG A 182 12.18 -7.63 10.29
CA ARG A 182 11.65 -8.94 9.95
C ARG A 182 12.27 -9.46 8.65
N PRO A 183 12.80 -10.69 8.64
CA PRO A 183 13.23 -11.31 7.37
C PRO A 183 12.09 -11.93 6.56
N GLU A 184 10.87 -11.97 7.11
CA GLU A 184 9.70 -12.49 6.42
C GLU A 184 8.50 -11.84 7.10
N THR A 185 7.35 -11.87 6.42
CA THR A 185 6.14 -11.28 6.99
C THR A 185 5.28 -12.30 7.74
N ALA A 186 5.69 -13.56 7.79
CA ALA A 186 4.80 -14.61 8.30
C ALA A 186 4.57 -14.49 9.80
N GLN A 187 5.62 -14.22 10.58
CA GLN A 187 5.48 -14.22 12.03
C GLN A 187 4.45 -13.20 12.49
N GLY A 188 4.33 -12.06 11.81
CA GLY A 188 3.28 -11.13 12.14
C GLY A 188 1.91 -11.75 12.03
N ILE A 189 1.76 -12.71 11.13
CA ILE A 189 0.49 -13.45 11.01
C ILE A 189 0.35 -14.47 12.13
N PHE A 190 1.38 -15.29 12.32
CA PHE A 190 1.29 -16.36 13.30
C PHE A 190 0.93 -15.80 14.67
N THR A 191 1.52 -14.66 15.05
CA THR A 191 1.27 -14.12 16.38
C THR A 191 -0.14 -13.56 16.52
N ASN A 192 -0.80 -13.20 15.42
CA ASN A 192 -2.15 -12.69 15.46
C ASN A 192 -3.18 -13.73 15.01
N PHE A 193 -2.77 -15.00 14.89
CA PHE A 193 -3.75 -16.03 14.54
C PHE A 193 -4.99 -15.97 15.41
N ALA A 194 -4.82 -16.01 16.74
CA ALA A 194 -5.97 -16.05 17.64
C ALA A 194 -6.78 -14.75 17.56
N ASN A 195 -6.09 -13.61 17.44
CA ASN A 195 -6.78 -12.33 17.29
C ASN A 195 -7.69 -12.36 16.06
N VAL A 196 -7.19 -12.89 14.95
CA VAL A 196 -7.98 -12.91 13.72
C VAL A 196 -9.11 -13.91 13.83
N VAL A 197 -8.84 -15.11 14.37
CA VAL A 197 -9.92 -16.05 14.60
C VAL A 197 -11.04 -15.35 15.37
N THR A 198 -10.68 -14.58 16.40
CA THR A 198 -11.70 -13.94 17.23
C THR A 198 -12.45 -12.86 16.45
N THR A 199 -11.72 -11.86 15.94
CA THR A 199 -12.39 -10.69 15.39
C THR A 199 -13.08 -11.01 14.08
N ALA A 200 -12.44 -11.78 13.22
CA ALA A 200 -12.99 -12.12 11.91
C ALA A 200 -13.90 -13.34 11.94
N ARG A 201 -14.02 -14.02 13.08
CA ARG A 201 -14.91 -15.15 13.23
C ARG A 201 -14.64 -16.19 12.14
N LYS A 202 -13.41 -16.66 12.12
CA LYS A 202 -12.96 -17.63 11.12
C LYS A 202 -12.65 -18.96 11.81
N LYS A 203 -12.68 -20.02 11.02
CA LYS A 203 -12.55 -21.40 11.48
C LYS A 203 -11.71 -22.08 10.40
N PRO A 204 -10.76 -22.92 10.78
CA PRO A 204 -10.00 -23.68 9.76
C PRO A 204 -10.95 -24.49 8.90
N PRO A 205 -10.70 -24.60 7.58
CA PRO A 205 -9.60 -24.01 6.81
C PRO A 205 -9.82 -22.56 6.43
N PHE A 206 -8.88 -21.68 6.76
CA PHE A 206 -8.97 -20.28 6.36
C PHE A 206 -7.57 -19.71 6.34
N GLY A 207 -7.41 -18.61 5.62
CA GLY A 207 -6.10 -18.02 5.50
C GLY A 207 -5.99 -16.58 5.96
N ILE A 208 -4.77 -16.17 6.26
CA ILE A 208 -4.45 -14.78 6.58
C ILE A 208 -3.37 -14.33 5.59
N ALA A 209 -3.65 -13.26 4.86
CA ALA A 209 -2.78 -12.80 3.79
C ALA A 209 -2.20 -11.43 4.12
N GLN A 210 -1.01 -11.18 3.62
CA GLN A 210 -0.24 -9.99 3.94
C GLN A 210 0.71 -9.68 2.79
N THR A 211 0.88 -8.40 2.50
CA THR A 211 1.96 -7.93 1.65
C THR A 211 2.79 -6.94 2.47
N GLY A 212 4.11 -6.99 2.33
CA GLY A 212 4.93 -6.04 3.07
C GLY A 212 6.41 -6.15 2.76
N LYS A 213 7.15 -5.22 3.34
CA LYS A 213 8.60 -5.18 3.16
C LYS A 213 9.29 -6.15 4.12
N SER A 214 10.24 -6.92 3.60
CA SER A 214 11.13 -7.75 4.40
C SER A 214 12.58 -7.45 4.04
N PHE A 215 13.46 -7.66 5.03
CA PHE A 215 14.87 -7.30 4.94
C PHE A 215 15.74 -8.52 5.25
N ARG A 216 16.75 -8.74 4.41
CA ARG A 216 17.73 -9.79 4.64
C ARG A 216 19.10 -9.24 4.29
N ASN A 217 20.08 -9.52 5.15
CA ASN A 217 21.44 -9.00 4.94
C ASN A 217 22.14 -9.81 3.85
N GLU A 218 21.54 -9.80 2.67
CA GLU A 218 22.07 -10.55 1.54
C GLU A 218 23.51 -10.15 1.26
N ILE A 219 24.39 -11.14 1.16
CA ILE A 219 25.82 -10.89 1.05
C ILE A 219 26.16 -10.34 -0.34
N THR A 220 25.51 -10.87 -1.38
CA THR A 220 25.80 -10.51 -2.76
C THR A 220 24.51 -10.21 -3.51
N PRO A 221 24.49 -9.18 -4.36
CA PRO A 221 23.27 -8.86 -5.10
C PRO A 221 23.08 -9.76 -6.31
N GLY A 222 21.81 -9.96 -6.68
CA GLY A 222 21.47 -10.82 -7.80
C GLY A 222 21.42 -10.06 -9.12
N ASN A 223 21.12 -10.82 -10.18
CA ASN A 223 20.84 -10.22 -11.47
C ASN A 223 19.74 -9.18 -11.31
N PHE A 224 20.03 -7.92 -11.68
CA PHE A 224 19.01 -6.87 -11.75
C PHE A 224 18.33 -6.77 -10.38
N ILE A 225 17.03 -6.99 -10.26
CA ILE A 225 16.34 -6.78 -8.99
C ILE A 225 15.89 -8.12 -8.42
N PHE A 226 16.62 -9.19 -8.72
CA PHE A 226 16.16 -10.51 -8.31
C PHE A 226 16.41 -10.78 -6.82
N ARG A 227 17.58 -10.40 -6.31
CA ARG A 227 17.93 -10.62 -4.90
C ARG A 227 18.49 -9.32 -4.34
N THR A 228 17.74 -8.68 -3.45
CA THR A 228 18.13 -7.44 -2.82
C THR A 228 18.00 -7.57 -1.31
N ARG A 229 18.64 -6.65 -0.59
N ARG A 229 18.64 -6.65 -0.58
CA ARG A 229 18.56 -6.68 0.87
CA ARG A 229 18.57 -6.69 0.88
C ARG A 229 17.19 -6.26 1.37
C ARG A 229 17.22 -6.21 1.41
N GLU A 230 16.48 -5.45 0.60
CA GLU A 230 15.15 -4.98 0.94
C GLU A 230 14.23 -5.37 -0.20
N PHE A 231 13.13 -6.05 0.11
CA PHE A 231 12.23 -6.54 -0.94
C PHE A 231 10.82 -6.56 -0.39
N GLU A 232 9.86 -6.74 -1.29
CA GLU A 232 8.46 -6.87 -0.92
C GLU A 232 8.00 -8.31 -1.12
N GLN A 233 7.23 -8.79 -0.17
CA GLN A 233 6.69 -10.15 -0.21
C GLN A 233 5.18 -10.10 -0.18
N MET A 234 4.57 -11.18 -0.68
CA MET A 234 3.13 -11.41 -0.68
C MET A 234 2.96 -12.82 -0.13
N GLU A 235 2.75 -12.90 1.18
CA GLU A 235 2.65 -14.18 1.88
C GLU A 235 1.23 -14.40 2.39
N MET A 236 0.78 -15.65 2.34
CA MET A 236 -0.50 -16.02 2.94
C MET A 236 -0.30 -17.33 3.70
N GLU A 237 -0.80 -17.38 4.93
CA GLU A 237 -0.76 -18.61 5.73
C GLU A 237 -2.17 -19.16 5.83
N PHE A 238 -2.36 -20.37 5.31
CA PHE A 238 -3.65 -21.06 5.27
C PHE A 238 -3.66 -22.14 6.34
N PHE A 239 -4.42 -21.90 7.41
CA PHE A 239 -4.54 -22.81 8.53
C PHE A 239 -5.65 -23.82 8.28
N VAL A 240 -5.33 -25.09 8.48
CA VAL A 240 -6.21 -26.19 8.12
C VAL A 240 -6.12 -27.27 9.18
N GLU A 241 -7.20 -28.05 9.29
CA GLU A 241 -7.14 -29.25 10.10
C GLU A 241 -6.06 -30.18 9.55
N PRO A 242 -5.23 -30.76 10.42
CA PRO A 242 -4.01 -31.42 9.91
C PRO A 242 -4.26 -32.48 8.84
N SER A 243 -5.25 -33.36 9.04
CA SER A 243 -5.47 -34.45 8.09
C SER A 243 -5.75 -33.95 6.67
N THR A 244 -6.05 -32.67 6.48
CA THR A 244 -6.33 -32.16 5.15
C THR A 244 -5.12 -31.48 4.51
N ALA A 245 -4.08 -31.18 5.29
CA ALA A 245 -3.00 -30.32 4.81
C ALA A 245 -2.53 -30.74 3.42
N LYS A 246 -2.07 -31.99 3.29
CA LYS A 246 -1.49 -32.47 2.04
C LYS A 246 -2.38 -32.10 0.85
N GLU A 247 -3.67 -32.41 0.94
CA GLU A 247 -4.58 -32.05 -0.14
C GLU A 247 -4.52 -30.55 -0.42
N TRP A 248 -4.84 -29.74 0.60
CA TRP A 248 -4.76 -28.29 0.47
C TRP A 248 -3.44 -27.87 -0.14
N HIS A 249 -2.35 -28.52 0.27
CA HIS A 249 -1.05 -28.12 -0.24
C HIS A 249 -1.09 -28.13 -1.76
N GLN A 250 -1.44 -29.29 -2.32
CA GLN A 250 -1.53 -29.42 -3.77
C GLN A 250 -2.44 -28.35 -4.36
N TYR A 251 -3.60 -28.14 -3.73
CA TYR A 251 -4.54 -27.15 -4.24
C TYR A 251 -3.83 -25.83 -4.45
N TRP A 252 -3.17 -25.32 -3.41
CA TRP A 252 -2.55 -24.01 -3.56
C TRP A 252 -1.47 -24.07 -4.62
N ILE A 253 -0.67 -25.15 -4.63
CA ILE A 253 0.36 -25.26 -5.65
C ILE A 253 -0.24 -25.02 -7.03
N ASP A 254 -1.37 -25.67 -7.30
CA ASP A 254 -2.00 -25.52 -8.62
C ASP A 254 -2.60 -24.12 -8.75
N THR A 255 -3.35 -23.69 -7.73
CA THR A 255 -3.97 -22.38 -7.77
C THR A 255 -2.93 -21.30 -8.09
N ARG A 256 -1.92 -21.18 -7.23
CA ARG A 256 -0.91 -20.15 -7.45
C ARG A 256 -0.37 -20.20 -8.87
N LEU A 257 -0.07 -21.40 -9.38
CA LEU A 257 0.53 -21.47 -10.71
C LEU A 257 -0.43 -20.85 -11.72
N GLN A 258 -1.69 -21.28 -11.69
CA GLN A 258 -2.70 -20.74 -12.60
C GLN A 258 -2.72 -19.21 -12.55
N TRP A 259 -2.56 -18.64 -11.36
CA TRP A 259 -2.56 -17.20 -11.22
C TRP A 259 -1.58 -16.56 -12.21
N TYR A 260 -0.32 -16.98 -12.14
CA TYR A 260 0.67 -16.39 -13.03
C TYR A 260 0.26 -16.59 -14.48
N VAL A 261 -0.32 -17.75 -14.78
CA VAL A 261 -0.74 -18.01 -16.16
C VAL A 261 -1.91 -17.13 -16.54
N ASP A 262 -2.89 -16.96 -15.62
CA ASP A 262 -4.07 -16.18 -15.94
C ASP A 262 -3.73 -14.71 -16.15
N LEU A 263 -2.55 -14.28 -15.71
CA LEU A 263 -2.09 -12.92 -15.89
C LEU A 263 -1.08 -12.79 -17.01
N GLY A 264 -0.87 -13.87 -17.78
CA GLY A 264 -0.25 -13.77 -19.07
C GLY A 264 1.14 -14.36 -19.20
N ILE A 265 1.72 -14.90 -18.12
CA ILE A 265 2.98 -15.62 -18.25
C ILE A 265 2.75 -16.91 -19.02
N ASP A 266 3.72 -17.26 -19.87
CA ASP A 266 3.64 -18.48 -20.66
C ASP A 266 3.84 -19.69 -19.76
N ARG A 267 2.91 -20.64 -19.82
CA ARG A 267 3.02 -21.83 -19.00
C ARG A 267 4.36 -22.52 -19.19
N ASP A 268 4.90 -22.49 -20.41
CA ASP A 268 6.17 -23.16 -20.67
C ASP A 268 7.32 -22.54 -19.89
N ASN A 269 7.20 -21.29 -19.46
CA ASN A 269 8.25 -20.63 -18.70
C ASN A 269 8.07 -20.80 -17.20
N LEU A 270 7.12 -21.62 -16.79
CA LEU A 270 6.88 -21.93 -15.39
C LEU A 270 7.08 -23.43 -15.18
N ARG A 271 7.57 -23.79 -14.00
CA ARG A 271 7.70 -25.20 -13.65
C ARG A 271 7.67 -25.36 -12.13
N LEU A 272 7.31 -26.56 -11.68
CA LEU A 272 7.36 -26.87 -10.26
C LEU A 272 8.70 -27.53 -9.93
N TYR A 273 9.26 -27.17 -8.78
CA TYR A 273 10.48 -27.81 -8.27
C TYR A 273 10.18 -28.27 -6.85
N GLU A 274 10.26 -29.58 -6.63
CA GLU A 274 10.02 -30.17 -5.32
C GLU A 274 11.31 -30.12 -4.52
N HIS A 275 11.28 -29.44 -3.37
CA HIS A 275 12.40 -29.50 -2.46
C HIS A 275 12.55 -30.95 -1.99
N PRO A 276 13.74 -31.55 -2.09
CA PRO A 276 13.92 -32.95 -1.66
C PRO A 276 14.00 -33.04 -0.14
N PRO A 277 13.95 -34.27 0.41
CA PRO A 277 13.94 -34.39 1.88
C PRO A 277 15.12 -33.74 2.57
N GLU A 278 16.28 -33.69 1.90
CA GLU A 278 17.44 -33.02 2.50
C GLU A 278 17.26 -31.52 2.55
N LYS A 279 16.47 -30.95 1.63
CA LYS A 279 16.28 -29.50 1.59
C LYS A 279 14.94 -29.07 2.19
N TYR A 283 11.57 -24.95 9.58
CA TYR A 283 10.18 -24.81 9.99
C TYR A 283 9.20 -25.56 9.11
N ALA A 284 9.71 -26.26 8.09
CA ALA A 284 8.86 -26.87 7.08
C ALA A 284 9.04 -28.38 7.02
N GLU A 285 8.02 -29.05 6.46
CA GLU A 285 8.05 -30.46 6.12
C GLU A 285 8.18 -30.70 4.62
N ARG A 286 7.36 -30.02 3.81
CA ARG A 286 7.40 -30.21 2.35
C ARG A 286 7.26 -28.86 1.66
N THR A 287 8.09 -28.62 0.65
CA THR A 287 8.09 -27.34 -0.05
C THR A 287 8.19 -27.53 -1.56
N VAL A 288 7.33 -26.82 -2.28
CA VAL A 288 7.36 -26.77 -3.73
C VAL A 288 7.52 -25.32 -4.16
N ASP A 289 8.52 -25.05 -5.00
CA ASP A 289 8.74 -23.73 -5.56
C ASP A 289 8.19 -23.68 -6.98
N ILE A 290 7.44 -22.63 -7.29
CA ILE A 290 7.15 -22.30 -8.68
C ILE A 290 8.37 -21.56 -9.22
N GLU A 291 8.99 -22.08 -10.26
CA GLU A 291 10.18 -21.50 -10.85
C GLU A 291 9.83 -20.88 -12.20
N TYR A 292 10.44 -19.72 -12.47
CA TYR A 292 10.31 -19.04 -13.75
C TYR A 292 11.65 -19.06 -14.49
N LYS A 293 11.54 -19.12 -15.83
CA LYS A 293 12.71 -19.18 -16.72
C LYS A 293 13.16 -17.74 -17.02
N TYR A 294 13.87 -17.16 -16.05
CA TYR A 294 14.28 -15.78 -16.14
C TYR A 294 15.26 -15.55 -17.27
N GLY A 295 16.07 -16.55 -17.61
CA GLY A 295 17.08 -16.42 -18.62
C GLY A 295 18.48 -16.17 -18.12
N PHE A 296 18.76 -16.49 -16.86
CA PHE A 296 20.11 -16.29 -16.33
C PHE A 296 21.14 -17.02 -17.18
N ALA A 297 22.34 -16.46 -17.25
CA ALA A 297 23.48 -17.21 -17.78
C ALA A 297 23.58 -18.55 -17.05
N GLY A 298 23.90 -19.60 -17.80
CA GLY A 298 23.92 -20.93 -17.22
C GLY A 298 22.54 -21.51 -17.01
N ASP A 299 22.11 -21.66 -15.74
CA ASP A 299 20.80 -22.23 -15.39
C ASP A 299 19.76 -21.10 -15.41
N PRO A 300 18.93 -21.02 -16.45
CA PRO A 300 18.04 -19.86 -16.60
C PRO A 300 16.82 -19.88 -15.70
N TRP A 301 16.67 -20.88 -14.84
CA TRP A 301 15.49 -20.99 -14.00
C TRP A 301 15.77 -20.43 -12.61
N GLY A 302 14.70 -20.00 -11.95
CA GLY A 302 14.85 -19.43 -10.62
C GLY A 302 13.54 -19.46 -9.85
N GLU A 303 13.66 -19.41 -8.52
CA GLU A 303 12.48 -19.36 -7.68
C GLU A 303 11.69 -18.10 -7.98
N LEU A 304 10.37 -18.25 -8.00
CA LEU A 304 9.42 -17.16 -8.13
C LEU A 304 8.44 -17.12 -6.98
N GLU A 305 8.03 -18.29 -6.50
CA GLU A 305 7.10 -18.41 -5.39
C GLU A 305 7.36 -19.75 -4.72
N GLY A 306 7.40 -19.75 -3.39
CA GLY A 306 7.54 -20.97 -2.62
C GLY A 306 6.21 -21.30 -1.97
N ILE A 307 5.83 -22.57 -2.04
CA ILE A 307 4.56 -23.01 -1.45
C ILE A 307 4.88 -24.16 -0.50
N ALA A 308 4.91 -23.85 0.79
CA ALA A 308 5.37 -24.81 1.79
C ALA A 308 4.22 -25.33 2.64
N ASN A 309 4.41 -26.55 3.16
CA ASN A 309 3.58 -27.14 4.20
C ASN A 309 4.42 -27.07 5.47
N ARG A 310 4.06 -26.15 6.37
CA ARG A 310 4.85 -25.89 7.57
C ARG A 310 4.38 -26.70 8.78
N THR A 311 3.46 -27.62 8.58
CA THR A 311 2.91 -28.45 9.66
C THR A 311 2.41 -27.53 10.76
N ASP A 312 2.42 -28.02 12.01
CA ASP A 312 1.98 -27.24 13.16
C ASP A 312 3.16 -26.60 13.89
N PHE A 313 4.25 -26.32 13.19
CA PHE A 313 5.45 -25.79 13.85
C PHE A 313 5.22 -24.39 14.41
N ASP A 314 4.69 -23.49 13.58
CA ASP A 314 4.70 -22.07 13.95
C ASP A 314 3.73 -21.78 15.10
N LEU A 315 2.47 -22.21 14.96
CA LEU A 315 1.51 -21.98 16.02
C LEU A 315 1.96 -22.66 17.31
N SER A 316 2.52 -23.86 17.19
CA SER A 316 3.06 -24.55 18.36
C SER A 316 4.09 -23.70 19.06
N THR A 317 5.12 -23.28 18.33
CA THR A 317 6.24 -22.61 18.98
C THR A 317 5.82 -21.28 19.59
N HIS A 318 4.88 -20.58 18.95
CA HIS A 318 4.43 -19.31 19.50
C HIS A 318 3.52 -19.48 20.72
N SER A 319 2.71 -20.53 20.73
CA SER A 319 2.03 -20.91 21.97
C SER A 319 3.04 -21.13 23.08
N LYS A 320 4.02 -22.01 22.84
CA LYS A 320 4.93 -22.41 23.91
C LYS A 320 5.71 -21.20 24.43
N HIS A 321 6.23 -20.37 23.52
CA HIS A 321 7.10 -19.28 23.95
C HIS A 321 6.32 -18.11 24.53
N SER A 322 5.16 -17.80 23.94
CA SER A 322 4.39 -16.65 24.40
C SER A 322 3.60 -16.96 25.66
N GLY A 323 3.19 -18.22 25.82
CA GLY A 323 2.26 -18.62 26.85
C GLY A 323 0.80 -18.49 26.46
N VAL A 324 0.51 -18.01 25.24
CA VAL A 324 -0.84 -17.78 24.76
C VAL A 324 -1.25 -18.97 23.92
N ASP A 325 -2.41 -19.57 24.23
CA ASP A 325 -2.89 -20.73 23.49
C ASP A 325 -3.32 -20.28 22.11
N LEU A 326 -2.57 -20.69 21.09
CA LEU A 326 -2.88 -20.37 19.70
C LEU A 326 -3.48 -21.55 18.94
N SER A 327 -3.89 -22.60 19.64
CA SER A 327 -4.61 -23.69 18.99
C SER A 327 -6.02 -23.23 18.64
N TYR A 328 -6.75 -24.10 17.96
CA TYR A 328 -8.14 -23.85 17.61
C TYR A 328 -9.04 -24.90 18.24
N TYR A 329 -10.20 -24.44 18.71
CA TYR A 329 -11.23 -25.29 19.31
C TYR A 329 -12.44 -25.32 18.38
N ASP A 330 -12.70 -26.49 17.80
CA ASP A 330 -13.88 -26.74 16.99
C ASP A 330 -14.99 -27.22 17.91
N GLN A 331 -16.03 -26.39 18.06
CA GLN A 331 -17.21 -26.75 18.85
C GLN A 331 -18.09 -27.75 18.13
N ALA A 332 -18.05 -27.79 16.80
CA ALA A 332 -18.85 -28.75 16.05
C ALA A 332 -18.46 -30.18 16.40
N THR A 333 -17.20 -30.41 16.77
CA THR A 333 -16.71 -31.72 17.15
C THR A 333 -16.16 -31.76 18.57
N ASP A 334 -16.26 -30.66 19.32
CA ASP A 334 -15.66 -30.55 20.66
C ASP A 334 -14.22 -31.07 20.66
N THR A 335 -13.44 -30.61 19.67
CA THR A 335 -12.03 -31.01 19.58
C THR A 335 -11.15 -29.77 19.54
N ARG A 336 -9.92 -29.92 20.00
CA ARG A 336 -8.94 -28.85 20.00
C ARG A 336 -7.69 -29.37 19.31
N TYR A 337 -7.16 -28.60 18.36
CA TYR A 337 -5.94 -29.00 17.68
C TYR A 337 -5.16 -27.76 17.30
N VAL A 338 -3.87 -27.96 17.02
CA VAL A 338 -3.02 -26.91 16.44
C VAL A 338 -3.11 -27.04 14.93
N PRO A 339 -3.67 -26.07 14.22
CA PRO A 339 -3.79 -26.19 12.76
C PRO A 339 -2.43 -26.36 12.10
N TYR A 340 -2.44 -27.07 10.97
CA TYR A 340 -1.32 -27.10 10.05
C TYR A 340 -1.40 -25.90 9.11
N VAL A 341 -0.26 -25.52 8.55
CA VAL A 341 -0.15 -24.29 7.78
C VAL A 341 0.37 -24.61 6.39
N ILE A 342 -0.39 -24.22 5.38
CA ILE A 342 0.07 -24.16 3.99
C ILE A 342 0.38 -22.71 3.65
N GLU A 343 1.59 -22.44 3.16
CA GLU A 343 2.07 -21.07 2.96
C GLU A 343 2.50 -20.85 1.52
N PRO A 344 1.62 -20.28 0.69
CA PRO A 344 2.09 -19.64 -0.55
C PRO A 344 2.77 -18.32 -0.20
N ALA A 345 4.01 -18.16 -0.67
CA ALA A 345 4.79 -16.94 -0.43
C ALA A 345 5.47 -16.54 -1.73
N ALA A 346 5.03 -15.42 -2.30
CA ALA A 346 5.56 -14.90 -3.55
C ALA A 346 6.38 -13.65 -3.31
N GLY A 347 7.22 -13.32 -4.30
CA GLY A 347 8.04 -12.15 -4.24
C GLY A 347 7.53 -11.09 -5.19
N LEU A 348 7.12 -9.95 -4.63
CA LEU A 348 6.59 -8.87 -5.45
C LEU A 348 7.63 -8.44 -6.50
N THR A 349 8.88 -8.23 -6.08
CA THR A 349 9.89 -7.84 -7.05
C THR A 349 10.22 -8.99 -8.00
N ARG A 350 10.28 -10.22 -7.50
CA ARG A 350 10.52 -11.34 -8.41
C ARG A 350 9.38 -11.51 -9.40
N SER A 351 8.15 -11.28 -8.94
CA SER A 351 7.01 -11.36 -9.83
C SER A 351 7.07 -10.26 -10.89
N LEU A 352 7.46 -9.05 -10.50
CA LEU A 352 7.62 -7.99 -11.49
C LEU A 352 8.66 -8.38 -12.52
N MET A 353 9.83 -8.85 -12.08
CA MET A 353 10.88 -9.22 -13.02
C MET A 353 10.41 -10.33 -13.95
N ALA A 354 9.62 -11.28 -13.44
CA ALA A 354 9.15 -12.38 -14.29
C ALA A 354 8.13 -11.90 -15.32
N PHE A 355 7.15 -11.10 -14.87
CA PHE A 355 6.16 -10.55 -15.80
C PHE A 355 6.83 -9.69 -16.87
N LEU A 356 7.81 -8.88 -16.48
CA LEU A 356 8.49 -8.02 -17.44
C LEU A 356 9.25 -8.86 -18.46
N ILE A 357 10.08 -9.80 -18.01
CA ILE A 357 10.82 -10.63 -18.96
C ILE A 357 9.85 -11.36 -19.88
N ASP A 358 8.73 -11.84 -19.34
CA ASP A 358 7.82 -12.63 -20.17
C ASP A 358 7.13 -11.76 -21.21
N ALA A 359 6.73 -10.55 -20.84
CA ALA A 359 6.03 -9.70 -21.80
C ALA A 359 6.94 -9.21 -22.91
N TYR A 360 8.25 -9.22 -22.69
CA TYR A 360 9.16 -8.67 -23.69
C TYR A 360 9.04 -9.42 -25.01
N SER A 361 9.04 -8.67 -26.11
CA SER A 361 9.00 -9.32 -27.42
C SER A 361 9.38 -8.33 -28.51
N GLU A 362 9.85 -8.89 -29.63
CA GLU A 362 10.16 -8.13 -30.83
C GLU A 362 9.44 -8.79 -32.00
N ASP A 363 8.84 -7.97 -32.85
CA ASP A 363 8.24 -8.46 -34.08
C ASP A 363 8.57 -7.45 -35.17
N GLU A 364 7.75 -7.39 -36.22
CA GLU A 364 8.04 -6.49 -37.32
C GLU A 364 7.26 -5.17 -37.27
N LYS A 374 11.00 -3.40 -37.63
CA LYS A 374 11.00 -4.12 -36.36
C LYS A 374 10.33 -3.27 -35.27
N ARG A 375 9.72 -3.96 -34.29
CA ARG A 375 9.00 -3.32 -33.22
C ARG A 375 9.29 -4.03 -31.91
N THR A 376 9.30 -3.27 -30.83
CA THR A 376 9.55 -3.77 -29.48
C THR A 376 8.32 -3.55 -28.63
N VAL A 377 7.76 -4.64 -28.10
CA VAL A 377 6.48 -4.58 -27.40
C VAL A 377 6.56 -5.37 -26.10
N LEU A 378 6.00 -4.80 -25.04
CA LEU A 378 5.73 -5.52 -23.80
C LEU A 378 4.28 -5.97 -23.84
N ARG A 379 4.05 -7.27 -24.02
CA ARG A 379 2.70 -7.80 -24.11
C ARG A 379 2.11 -8.04 -22.71
N PHE A 380 2.07 -6.97 -21.91
CA PHE A 380 1.46 -7.04 -20.59
C PHE A 380 -0.02 -7.43 -20.68
N ASP A 381 -0.49 -8.17 -19.68
CA ASP A 381 -1.92 -8.26 -19.39
C ASP A 381 -2.45 -6.85 -19.08
N PRO A 382 -3.64 -6.50 -19.55
CA PRO A 382 -4.14 -5.13 -19.32
C PRO A 382 -4.11 -4.72 -17.86
N ARG A 383 -4.40 -5.67 -16.96
CA ARG A 383 -4.46 -5.37 -15.55
C ARG A 383 -3.09 -5.07 -14.97
N LEU A 384 -2.01 -5.42 -15.66
CA LEU A 384 -0.68 -5.12 -15.14
C LEU A 384 -0.06 -3.89 -15.78
N ALA A 385 -0.44 -3.57 -17.02
CA ALA A 385 0.19 -2.49 -17.75
C ALA A 385 0.21 -1.21 -16.90
N PRO A 386 1.37 -0.58 -16.73
CA PRO A 386 1.41 0.65 -15.90
C PRO A 386 0.56 1.78 -16.47
N VAL A 387 0.46 1.90 -17.79
CA VAL A 387 -0.36 2.91 -18.45
C VAL A 387 -1.41 2.18 -19.28
N LYS A 388 -2.69 2.45 -18.99
CA LYS A 388 -3.76 1.71 -19.65
C LYS A 388 -4.09 2.28 -21.01
N VAL A 389 -4.03 3.60 -21.16
CA VAL A 389 -4.42 4.26 -22.41
C VAL A 389 -3.52 5.47 -22.62
N ALA A 390 -3.11 5.68 -23.87
CA ALA A 390 -2.40 6.89 -24.28
C ALA A 390 -3.28 7.68 -25.24
N VAL A 391 -3.44 8.98 -24.98
CA VAL A 391 -4.23 9.88 -25.81
C VAL A 391 -3.27 10.68 -26.66
N LEU A 392 -3.46 10.62 -27.98
CA LEU A 392 -2.55 11.25 -28.93
C LEU A 392 -3.29 12.16 -29.90
N PRO A 393 -3.14 13.48 -29.79
CA PRO A 393 -3.61 14.35 -30.86
C PRO A 393 -2.74 14.20 -32.09
N LEU A 394 -3.38 14.20 -33.27
CA LEU A 394 -2.62 14.10 -34.51
C LEU A 394 -1.53 15.16 -34.58
N SER A 395 -1.87 16.40 -34.23
CA SER A 395 -0.90 17.48 -34.12
C SER A 395 -1.27 18.36 -32.93
N ARG A 396 -0.29 19.10 -32.42
CA ARG A 396 -0.54 20.10 -31.39
C ARG A 396 -1.22 21.28 -32.06
N HIS A 397 -2.54 21.38 -31.88
CA HIS A 397 -3.31 22.40 -32.57
C HIS A 397 -4.56 22.78 -31.77
N ALA A 398 -4.99 24.03 -31.93
CA ALA A 398 -6.03 24.58 -31.06
C ALA A 398 -7.37 23.88 -31.23
N ASP A 399 -7.57 23.16 -32.33
CA ASP A 399 -8.80 22.42 -32.57
C ASP A 399 -8.75 21.04 -31.94
N LEU A 400 -7.62 20.34 -32.10
CA LEU A 400 -7.52 18.97 -31.62
C LEU A 400 -7.15 18.91 -30.14
N SER A 401 -6.12 19.64 -29.75
CA SER A 401 -5.54 19.45 -28.43
C SER A 401 -6.56 19.61 -27.31
N PRO A 402 -7.47 20.58 -27.32
CA PRO A 402 -8.43 20.66 -26.19
C PRO A 402 -9.33 19.43 -26.10
N LYS A 403 -9.80 18.94 -27.25
CA LYS A 403 -10.60 17.72 -27.26
C LYS A 403 -9.77 16.54 -26.72
N ALA A 404 -8.51 16.45 -27.12
CA ALA A 404 -7.66 15.36 -26.63
C ALA A 404 -7.45 15.46 -25.13
N ARG A 405 -7.18 16.66 -24.62
CA ARG A 405 -6.98 16.85 -23.19
C ARG A 405 -8.23 16.49 -22.41
N ASP A 406 -9.39 16.96 -22.88
CA ASP A 406 -10.64 16.63 -22.20
C ASP A 406 -10.85 15.12 -22.13
N LEU A 407 -10.61 14.43 -23.25
CA LEU A 407 -10.75 12.99 -23.23
C LEU A 407 -9.77 12.35 -22.25
N ALA A 408 -8.52 12.82 -22.24
CA ALA A 408 -7.54 12.23 -21.34
C ALA A 408 -7.98 12.39 -19.89
N ALA A 409 -8.58 13.54 -19.55
CA ALA A 409 -9.07 13.74 -18.19
C ALA A 409 -10.19 12.75 -17.87
N GLU A 410 -11.19 12.67 -18.75
CA GLU A 410 -12.28 11.72 -18.53
C GLU A 410 -11.71 10.34 -18.26
N LEU A 411 -10.70 9.93 -19.02
CA LEU A 411 -10.14 8.60 -18.83
C LEU A 411 -9.32 8.51 -17.54
N ARG A 412 -8.68 9.60 -17.14
CA ARG A 412 -7.89 9.62 -15.92
C ARG A 412 -8.75 9.52 -14.67
N GLN A 413 -10.05 9.74 -14.81
CA GLN A 413 -10.94 9.41 -13.69
C GLN A 413 -10.81 7.96 -13.25
N HIS A 414 -10.48 7.05 -14.18
CA HIS A 414 -10.50 5.63 -13.92
C HIS A 414 -9.14 4.96 -14.02
N TRP A 415 -8.32 5.33 -15.00
CA TRP A 415 -7.08 4.64 -15.29
C TRP A 415 -5.91 5.62 -15.35
N ASN A 416 -4.71 5.11 -15.09
CA ASN A 416 -3.51 5.88 -15.37
C ASN A 416 -3.39 6.05 -16.88
N VAL A 417 -3.27 7.29 -17.32
CA VAL A 417 -3.27 7.63 -18.74
C VAL A 417 -1.99 8.42 -19.03
N GLU A 418 -1.61 8.42 -20.30
CA GLU A 418 -0.43 9.16 -20.76
C GLU A 418 -0.82 9.98 -21.97
N PHE A 419 -0.54 11.28 -21.91
CA PHE A 419 -0.85 12.22 -22.98
C PHE A 419 0.46 12.58 -23.69
N ASP A 420 0.50 12.38 -25.00
CA ASP A 420 1.72 12.57 -25.77
C ASP A 420 1.38 13.31 -27.07
N ASP A 421 1.94 14.51 -27.23
CA ASP A 421 1.75 15.29 -28.44
C ASP A 421 3.07 15.57 -29.14
N ALA A 422 4.11 14.78 -28.85
CA ALA A 422 5.44 15.01 -29.38
C ALA A 422 5.72 14.08 -30.56
N GLY A 423 6.19 14.66 -31.66
CA GLY A 423 6.63 13.87 -32.80
C GLY A 423 5.47 13.28 -33.56
N ALA A 424 5.84 12.52 -34.61
CA ALA A 424 4.85 11.89 -35.45
C ALA A 424 4.10 10.81 -34.68
N ILE A 425 2.88 10.54 -35.14
CA ILE A 425 1.97 9.64 -34.44
C ILE A 425 2.52 8.23 -34.32
N GLY A 426 3.28 7.78 -35.33
CA GLY A 426 3.82 6.44 -35.27
C GLY A 426 4.97 6.31 -34.29
N ARG A 427 5.81 7.34 -34.22
CA ARG A 427 6.78 7.42 -33.14
C ARG A 427 6.10 7.29 -31.78
N ARG A 428 4.98 7.97 -31.59
CA ARG A 428 4.29 7.91 -30.31
C ARG A 428 3.71 6.52 -30.07
N TYR A 429 3.15 5.89 -31.12
CA TYR A 429 2.69 4.51 -30.98
C TYR A 429 3.83 3.60 -30.51
N ARG A 430 5.02 3.76 -31.12
CA ARG A 430 6.17 2.93 -30.76
C ARG A 430 6.58 3.18 -29.31
N ARG A 431 6.62 4.44 -28.90
CA ARG A 431 6.90 4.76 -27.51
C ARG A 431 5.93 4.05 -26.55
N GLN A 432 4.65 4.00 -26.91
CA GLN A 432 3.68 3.37 -26.02
C GLN A 432 3.81 1.84 -26.05
N ASP A 433 4.00 1.26 -27.24
CA ASP A 433 4.17 -0.18 -27.34
C ASP A 433 5.36 -0.65 -26.51
N GLU A 434 6.39 0.18 -26.43
CA GLU A 434 7.61 -0.17 -25.72
C GLU A 434 7.43 -0.40 -24.23
N VAL A 435 6.34 0.12 -23.66
CA VAL A 435 6.05 0.02 -22.23
C VAL A 435 4.71 -0.63 -21.98
N GLY A 436 4.24 -1.43 -22.94
CA GLY A 436 3.08 -2.27 -22.76
C GLY A 436 1.72 -1.60 -22.74
N THR A 437 1.60 -0.34 -23.13
CA THR A 437 0.29 0.30 -23.06
C THR A 437 -0.72 -0.46 -23.93
N PRO A 438 -1.84 -0.93 -23.37
CA PRO A 438 -2.74 -1.75 -24.20
C PRO A 438 -3.40 -1.01 -25.35
N TYR A 439 -3.77 0.25 -25.17
CA TYR A 439 -4.56 0.96 -26.16
C TYR A 439 -4.08 2.38 -26.36
N CYS A 440 -4.09 2.81 -27.62
CA CYS A 440 -3.80 4.19 -27.96
C CYS A 440 -5.02 4.83 -28.60
N VAL A 441 -5.33 6.05 -28.19
CA VAL A 441 -6.47 6.80 -28.72
C VAL A 441 -5.93 8.01 -29.46
N THR A 442 -6.30 8.13 -30.74
CA THR A 442 -5.85 9.21 -31.59
C THR A 442 -7.01 10.14 -31.92
N VAL A 443 -6.78 11.44 -31.80
CA VAL A 443 -7.75 12.49 -32.14
C VAL A 443 -7.24 13.21 -33.37
N ASP A 444 -7.94 13.05 -34.50
CA ASP A 444 -7.58 13.69 -35.75
C ASP A 444 -8.66 14.70 -36.16
N PHE A 445 -8.56 15.20 -37.40
CA PHE A 445 -9.50 16.22 -37.84
C PHE A 445 -10.89 15.63 -38.08
N ASP A 446 -10.96 14.38 -38.51
CA ASP A 446 -12.26 13.71 -38.59
C ASP A 446 -12.99 13.72 -37.25
N SER A 447 -12.23 13.67 -36.15
CA SER A 447 -12.86 13.70 -34.83
C SER A 447 -13.63 14.99 -34.57
N LEU A 448 -13.28 16.07 -35.27
CA LEU A 448 -14.01 17.33 -35.13
C LEU A 448 -15.34 17.30 -35.85
N GLU A 449 -15.60 16.27 -36.65
CA GLU A 449 -16.80 16.20 -37.49
C GLU A 449 -17.76 15.08 -37.09
N ASP A 450 -17.25 13.90 -36.76
CA ASP A 450 -18.07 12.80 -36.27
C ASP A 450 -17.90 12.57 -34.78
N ASN A 451 -17.10 13.39 -34.09
CA ASN A 451 -16.89 13.27 -32.65
C ASN A 451 -16.55 11.84 -32.26
N ALA A 452 -15.63 11.25 -33.02
CA ALA A 452 -15.11 9.91 -32.76
C ALA A 452 -13.60 9.96 -32.75
N VAL A 453 -12.98 8.90 -32.21
CA VAL A 453 -11.53 8.78 -32.12
C VAL A 453 -11.11 7.42 -32.63
N THR A 454 -9.80 7.25 -32.82
CA THR A 454 -9.26 6.01 -33.36
C THR A 454 -8.53 5.24 -32.26
N VAL A 455 -9.06 4.06 -31.94
CA VAL A 455 -8.52 3.22 -30.87
C VAL A 455 -7.71 2.11 -31.51
N ARG A 456 -6.45 2.00 -31.10
CA ARG A 456 -5.50 1.03 -31.63
C ARG A 456 -5.11 0.06 -30.53
N GLU A 457 -5.34 -1.23 -30.79
CA GLU A 457 -4.99 -2.30 -29.87
C GLU A 457 -3.52 -2.66 -30.04
N ARG A 458 -2.79 -2.63 -28.92
CA ARG A 458 -1.34 -2.72 -28.96
C ARG A 458 -0.84 -3.89 -29.79
N ASP A 459 -1.28 -5.10 -29.44
CA ASP A 459 -0.68 -6.29 -30.04
C ASP A 459 -0.96 -6.36 -31.52
N SER A 460 -2.25 -6.35 -31.89
CA SER A 460 -2.64 -6.51 -33.28
C SER A 460 -2.30 -5.28 -34.10
N MET A 461 -2.35 -4.08 -33.50
CA MET A 461 -2.24 -2.80 -34.18
C MET A 461 -3.50 -2.48 -34.95
N ALA A 462 -4.54 -3.31 -34.86
CA ALA A 462 -5.82 -3.01 -35.48
C ALA A 462 -6.43 -1.74 -34.88
N GLN A 463 -7.06 -0.95 -35.75
CA GLN A 463 -7.68 0.30 -35.39
C GLN A 463 -9.19 0.21 -35.59
N GLU A 464 -9.92 0.94 -34.75
CA GLU A 464 -11.37 0.92 -34.74
C GLU A 464 -11.80 2.33 -34.34
N ARG A 465 -12.81 2.87 -35.03
CA ARG A 465 -13.23 4.24 -34.78
C ARG A 465 -14.46 4.23 -33.90
N ILE A 466 -14.35 4.86 -32.73
CA ILE A 466 -15.34 4.77 -31.67
C ILE A 466 -15.80 6.18 -31.31
N SER A 467 -17.12 6.35 -31.16
CA SER A 467 -17.66 7.59 -30.64
C SER A 467 -17.09 7.88 -29.25
N ILE A 468 -16.85 9.17 -28.97
CA ILE A 468 -16.18 9.54 -27.75
C ILE A 468 -17.03 9.22 -26.52
N ASP A 469 -18.34 9.48 -26.60
CA ASP A 469 -19.22 9.18 -25.47
C ASP A 469 -19.34 7.70 -25.17
N GLN A 470 -18.63 6.84 -25.91
CA GLN A 470 -18.59 5.42 -25.64
C GLN A 470 -17.19 4.91 -25.34
N VAL A 471 -16.16 5.72 -25.56
CA VAL A 471 -14.78 5.25 -25.46
C VAL A 471 -14.49 4.72 -24.06
N THR A 472 -15.03 5.36 -23.02
CA THR A 472 -14.72 4.89 -21.69
C THR A 472 -15.24 3.48 -21.46
N ASP A 473 -16.47 3.20 -21.90
CA ASP A 473 -17.00 1.84 -21.77
C ASP A 473 -16.23 0.86 -22.65
N TYR A 474 -15.99 1.24 -23.92
CA TYR A 474 -15.19 0.42 -24.82
C TYR A 474 -13.89 -0.01 -24.15
N LEU A 475 -13.14 0.95 -23.63
CA LEU A 475 -11.88 0.63 -22.98
C LEU A 475 -12.09 -0.18 -21.71
N ALA A 476 -13.12 0.14 -20.92
CA ALA A 476 -13.32 -0.56 -19.66
C ALA A 476 -13.47 -2.05 -19.90
N VAL A 477 -14.35 -2.43 -20.83
CA VAL A 477 -14.58 -3.85 -21.06
C VAL A 477 -13.28 -4.57 -21.40
N ARG A 478 -12.35 -3.88 -22.04
CA ARG A 478 -11.12 -4.50 -22.51
C ARG A 478 -9.98 -4.45 -21.50
N LEU A 479 -10.00 -3.48 -20.59
CA LEU A 479 -8.95 -3.32 -19.61
C LEU A 479 -9.16 -4.18 -18.38
N LYS A 480 -10.37 -4.72 -18.21
CA LYS A 480 -10.64 -5.78 -17.25
C LYS A 480 -10.16 -5.41 -15.85
N GLY A 481 -10.41 -4.17 -15.46
CA GLY A 481 -10.11 -3.70 -14.13
C GLY A 481 -9.57 -2.28 -14.12
N CYS A 482 -9.73 -1.61 -12.97
CA CYS A 482 -9.17 -0.29 -12.76
C CYS A 482 -8.64 -0.08 -11.34
N ALA B 23 -16.12 8.49 29.26
CA ALA B 23 -14.94 8.14 28.47
C ALA B 23 -14.78 9.10 27.30
N SER B 24 -13.54 9.39 26.92
CA SER B 24 -13.29 10.31 25.82
C SER B 24 -13.63 9.66 24.49
N ILE B 25 -13.75 10.50 23.46
CA ILE B 25 -14.05 9.99 22.13
C ILE B 25 -12.91 9.12 21.62
N ILE B 26 -11.67 9.54 21.86
CA ILE B 26 -10.54 8.78 21.36
C ILE B 26 -10.52 7.39 21.98
N ASP B 27 -10.77 7.30 23.29
CA ASP B 27 -10.80 6.00 23.93
C ASP B 27 -11.90 5.12 23.35
N THR B 28 -13.08 5.68 23.14
CA THR B 28 -14.17 4.89 22.57
C THR B 28 -13.77 4.33 21.21
N VAL B 29 -13.27 5.20 20.33
CA VAL B 29 -12.90 4.76 18.99
C VAL B 29 -11.79 3.71 19.06
N ALA B 30 -10.84 3.88 19.98
CA ALA B 30 -9.75 2.91 20.10
C ALA B 30 -10.27 1.56 20.57
N ASN B 31 -11.20 1.57 21.53
CA ASN B 31 -11.79 0.31 21.96
C ASN B 31 -12.52 -0.36 20.82
N LEU B 32 -13.27 0.41 20.03
CA LEU B 32 -13.96 -0.17 18.88
C LEU B 32 -12.97 -0.77 17.89
N ALA B 33 -11.88 -0.05 17.61
CA ALA B 33 -10.88 -0.53 16.67
C ALA B 33 -10.26 -1.83 17.15
N LYS B 34 -9.91 -1.91 18.44
CA LYS B 34 -9.29 -3.13 18.95
C LYS B 34 -10.29 -4.29 18.96
N ARG B 35 -11.54 -4.02 19.34
CA ARG B 35 -12.53 -5.08 19.46
C ARG B 35 -12.89 -5.68 18.12
N ARG B 36 -13.02 -4.84 17.08
CA ARG B 36 -13.45 -5.32 15.77
C ARG B 36 -12.30 -5.62 14.83
N GLY B 37 -11.05 -5.53 15.31
CA GLY B 37 -9.93 -5.94 14.49
C GLY B 37 -9.53 -4.96 13.42
N PHE B 38 -9.74 -3.66 13.64
CA PHE B 38 -9.05 -2.66 12.86
C PHE B 38 -7.57 -2.66 13.20
N VAL B 39 -7.24 -2.83 14.50
CA VAL B 39 -5.86 -2.87 14.94
C VAL B 39 -5.66 -3.94 16.02
N TYR B 40 -4.44 -4.46 16.09
CA TYR B 40 -3.94 -5.24 17.20
C TYR B 40 -2.62 -4.62 17.63
N GLN B 41 -2.24 -4.80 18.90
CA GLN B 41 -0.90 -4.40 19.30
C GLN B 41 0.11 -5.41 18.74
N SER B 42 1.16 -4.91 18.10
CA SER B 42 2.17 -5.79 17.54
C SER B 42 2.78 -6.65 18.63
N GLY B 43 2.97 -7.93 18.32
CA GLY B 43 3.54 -8.84 19.30
C GLY B 43 2.76 -8.85 20.60
N GLU B 44 1.43 -8.74 20.51
CA GLU B 44 0.61 -8.64 21.71
C GLU B 44 0.91 -9.75 22.71
N ILE B 45 1.09 -10.97 22.20
CA ILE B 45 1.31 -12.13 23.06
C ILE B 45 2.65 -12.09 23.77
N TYR B 46 3.56 -11.22 23.34
CA TYR B 46 4.86 -11.04 23.96
C TYR B 46 5.00 -9.67 24.64
N GLY B 47 3.91 -8.91 24.74
CA GLY B 47 3.99 -7.56 25.28
C GLY B 47 4.01 -6.49 24.21
N GLY B 48 2.87 -5.85 23.98
CA GLY B 48 2.76 -4.79 23.00
C GLY B 48 2.82 -3.41 23.64
N THR B 49 3.12 -2.41 22.82
CA THR B 49 3.15 -1.02 23.24
C THR B 49 2.33 -0.21 22.24
N ARG B 50 1.95 1.01 22.66
CA ARG B 50 1.28 1.91 21.74
C ARG B 50 2.24 2.52 20.74
N SER B 51 3.50 2.09 20.73
CA SER B 51 4.49 2.52 19.74
C SER B 51 4.53 1.61 18.52
N ALA B 52 3.76 0.52 18.51
CA ALA B 52 3.78 -0.43 17.40
C ALA B 52 2.40 -1.08 17.28
N TRP B 53 1.85 -1.07 16.06
CA TRP B 53 0.51 -1.61 15.83
C TRP B 53 0.44 -2.38 14.53
N ASP B 54 -0.24 -3.52 14.57
CA ASP B 54 -0.64 -4.28 13.40
C ASP B 54 -2.07 -3.88 13.03
N TYR B 55 -2.39 -3.97 11.74
CA TYR B 55 -3.71 -3.63 11.23
C TYR B 55 -4.44 -4.90 10.83
N GLY B 56 -5.57 -5.16 11.48
CA GLY B 56 -6.33 -6.35 11.25
C GLY B 56 -7.08 -6.34 9.93
N PRO B 57 -7.94 -7.33 9.72
CA PRO B 57 -8.58 -7.47 8.39
C PRO B 57 -9.34 -6.23 7.95
N LEU B 58 -10.06 -5.55 8.86
CA LEU B 58 -10.73 -4.32 8.48
C LEU B 58 -9.74 -3.16 8.38
N GLY B 59 -8.77 -3.10 9.29
CA GLY B 59 -7.84 -1.99 9.29
C GLY B 59 -6.99 -1.94 8.04
N VAL B 60 -6.54 -3.11 7.56
CA VAL B 60 -5.68 -3.14 6.37
C VAL B 60 -6.45 -2.61 5.15
N GLU B 61 -7.73 -2.99 5.04
CA GLU B 61 -8.53 -2.50 3.93
C GLU B 61 -8.79 -0.99 4.05
N LEU B 62 -9.15 -0.52 5.25
CA LEU B 62 -9.34 0.92 5.42
C LEU B 62 -8.08 1.68 5.03
N LYS B 63 -6.93 1.20 5.49
CA LYS B 63 -5.66 1.88 5.22
C LYS B 63 -5.36 1.89 3.73
N GLU B 64 -5.50 0.72 3.08
CA GLU B 64 -5.23 0.64 1.65
C GLU B 64 -6.20 1.52 0.87
N ASN B 65 -7.45 1.63 1.33
CA ASN B 65 -8.43 2.46 0.65
C ASN B 65 -8.05 3.93 0.73
N ILE B 66 -7.64 4.39 1.91
CA ILE B 66 -7.17 5.77 2.02
C ILE B 66 -5.99 6.00 1.08
N LYS B 67 -5.02 5.09 1.11
CA LYS B 67 -3.87 5.17 0.22
C LYS B 67 -4.30 5.28 -1.24
N ARG B 68 -5.25 4.42 -1.64
CA ARG B 68 -5.70 4.38 -3.03
C ARG B 68 -6.34 5.72 -3.42
N GLN B 69 -7.17 6.28 -2.54
CA GLN B 69 -7.77 7.57 -2.84
C GLN B 69 -6.72 8.67 -2.95
N TRP B 70 -5.70 8.62 -2.11
CA TRP B 70 -4.62 9.59 -2.21
C TRP B 70 -3.91 9.46 -3.55
N TRP B 71 -3.53 8.22 -3.91
CA TRP B 71 -2.79 8.00 -5.14
C TRP B 71 -3.62 8.37 -6.37
N LYS B 72 -4.94 8.17 -6.30
CA LYS B 72 -5.82 8.62 -7.38
C LYS B 72 -5.80 10.14 -7.48
N SER B 73 -6.01 10.83 -6.36
CA SER B 73 -6.04 12.28 -6.41
C SER B 73 -4.71 12.85 -6.85
N MET B 74 -3.61 12.25 -6.42
CA MET B 74 -2.33 12.92 -6.59
C MET B 74 -1.62 12.53 -7.89
N VAL B 75 -1.64 11.26 -8.25
CA VAL B 75 -0.88 10.74 -9.39
C VAL B 75 -1.79 10.48 -10.59
N THR B 76 -2.80 9.63 -10.41
CA THR B 76 -3.54 9.10 -11.54
C THR B 76 -4.32 10.20 -12.25
N ALA B 77 -4.96 11.08 -11.49
CA ALA B 77 -5.84 12.11 -12.02
C ALA B 77 -5.09 13.35 -12.51
N ARG B 78 -3.82 13.49 -12.21
CA ARG B 78 -3.10 14.72 -12.48
C ARG B 78 -2.03 14.44 -13.53
N GLU B 79 -2.09 15.19 -14.64
CA GLU B 79 -1.03 15.08 -15.62
C GLU B 79 0.30 15.56 -15.06
N ASP B 80 0.26 16.52 -14.13
CA ASP B 80 1.48 17.19 -13.66
C ASP B 80 2.19 16.41 -12.55
N VAL B 81 1.64 15.28 -12.09
CA VAL B 81 2.20 14.54 -10.97
C VAL B 81 2.39 13.08 -11.38
N VAL B 82 3.59 12.56 -11.13
CA VAL B 82 3.94 11.17 -11.40
C VAL B 82 4.37 10.52 -10.09
N GLY B 83 4.50 9.19 -10.11
CA GLY B 83 4.77 8.42 -8.93
C GLY B 83 6.17 7.82 -8.89
N ILE B 84 6.54 7.34 -7.70
CA ILE B 84 7.82 6.69 -7.48
C ILE B 84 7.72 5.86 -6.21
N ASP B 85 8.59 4.87 -6.09
CA ASP B 85 8.73 4.10 -4.85
C ASP B 85 10.22 3.84 -4.63
N THR B 86 10.77 4.42 -3.56
CA THR B 86 12.20 4.37 -3.28
C THR B 86 12.48 3.54 -2.04
N SER B 87 13.73 3.14 -1.90
CA SER B 87 14.10 2.21 -0.84
C SER B 87 14.07 2.87 0.53
N ILE B 88 13.72 2.06 1.53
CA ILE B 88 13.73 2.52 2.91
C ILE B 88 15.15 2.82 3.37
N ILE B 89 16.12 2.04 2.89
CA ILE B 89 17.53 2.19 3.27
C ILE B 89 18.27 2.76 2.06
N LEU B 90 18.63 4.03 2.13
CA LEU B 90 19.42 4.69 1.11
C LEU B 90 20.86 4.82 1.53
N PRO B 91 21.75 5.20 0.61
CA PRO B 91 23.15 5.45 1.00
C PRO B 91 23.23 6.48 2.11
N ARG B 92 24.16 6.27 3.05
CA ARG B 92 24.23 7.13 4.22
C ARG B 92 24.45 8.59 3.82
N GLU B 93 25.29 8.83 2.80
CA GLU B 93 25.62 10.21 2.45
C GLU B 93 24.36 11.05 2.25
N VAL B 94 23.29 10.44 1.73
CA VAL B 94 22.02 11.16 1.56
C VAL B 94 21.68 11.96 2.81
N TRP B 95 21.61 11.29 3.95
CA TRP B 95 21.20 11.94 5.20
C TRP B 95 22.26 12.86 5.77
N VAL B 96 23.49 12.78 5.25
CA VAL B 96 24.48 13.81 5.53
C VAL B 96 24.17 15.05 4.71
N ALA B 97 23.74 14.87 3.46
CA ALA B 97 23.47 16.01 2.60
C ALA B 97 22.15 16.68 2.98
N SER B 98 21.16 15.89 3.40
CA SER B 98 19.90 16.47 3.81
C SER B 98 20.01 17.18 5.15
N GLY B 99 21.09 16.96 5.89
CA GLY B 99 21.28 17.54 7.19
C GLY B 99 20.71 16.74 8.34
N HIS B 100 20.09 15.59 8.08
CA HIS B 100 19.44 14.84 9.15
C HIS B 100 20.45 14.25 10.12
N VAL B 101 21.65 13.93 9.63
CA VAL B 101 22.71 13.47 10.53
C VAL B 101 23.04 14.55 11.55
N ASP B 102 23.05 15.81 11.10
CA ASP B 102 23.58 16.91 11.89
C ASP B 102 22.52 17.61 12.74
N VAL B 103 21.25 17.55 12.36
CA VAL B 103 20.27 18.44 12.99
C VAL B 103 19.00 17.71 13.38
N PHE B 104 18.82 16.47 12.90
CA PHE B 104 17.64 15.69 13.24
C PHE B 104 17.83 15.03 14.61
N HIS B 105 17.97 15.88 15.63
CA HIS B 105 18.18 15.43 16.99
C HIS B 105 17.33 16.26 17.94
N ASP B 106 17.05 15.68 19.10
CA ASP B 106 16.26 16.33 20.14
C ASP B 106 16.97 16.22 21.48
N PRO B 107 16.70 17.15 22.40
CA PRO B 107 17.38 17.13 23.71
C PRO B 107 16.77 16.08 24.62
N LEU B 108 17.63 15.29 25.26
CA LEU B 108 17.22 14.22 26.16
C LEU B 108 17.84 14.44 27.54
N VAL B 109 17.01 14.36 28.57
CA VAL B 109 17.47 14.49 29.94
C VAL B 109 17.19 13.18 30.67
N GLU B 110 18.18 12.70 31.41
CA GLU B 110 18.08 11.45 32.15
C GLU B 110 17.78 11.75 33.62
N CYS B 111 16.72 11.14 34.15
CA CYS B 111 16.37 11.29 35.55
C CYS B 111 17.48 10.73 36.43
N LEU B 112 17.73 11.39 37.56
CA LEU B 112 18.83 11.03 38.43
C LEU B 112 18.45 9.99 39.49
N ASN B 113 17.18 9.60 39.57
CA ASN B 113 16.71 8.60 40.53
C ASN B 113 16.40 7.26 39.87
N CYS B 114 15.63 7.26 38.78
CA CYS B 114 15.33 6.02 38.05
C CYS B 114 16.09 5.89 36.73
N HIS B 115 16.81 6.94 36.32
CA HIS B 115 17.72 6.91 35.17
C HIS B 115 17.00 6.61 33.85
N ARG B 116 15.73 7.02 33.74
CA ARG B 116 14.96 6.91 32.51
C ARG B 116 15.04 8.22 31.74
N ARG B 117 15.41 8.14 30.47
CA ARG B 117 15.62 9.32 29.64
C ARG B 117 14.30 9.79 29.03
N HIS B 118 14.12 11.11 28.99
CA HIS B 118 12.92 11.69 28.41
C HIS B 118 13.26 12.95 27.61
N ARG B 119 12.26 13.41 26.84
CA ARG B 119 12.39 14.60 26.02
C ARG B 119 12.31 15.84 26.91
N GLN B 120 13.35 16.68 26.85
CA GLN B 120 13.40 17.85 27.71
C GLN B 120 12.33 18.87 27.34
N ASP B 121 12.26 19.27 26.07
CA ASP B 121 11.25 20.25 25.67
C ASP B 121 9.86 19.77 26.09
N HIS B 122 9.53 18.52 25.81
CA HIS B 122 8.27 17.93 26.24
C HIS B 122 8.15 17.96 27.77
N VAL B 144 11.58 20.55 36.97
CA VAL B 144 10.39 19.83 36.56
C VAL B 144 10.29 18.49 37.29
N VAL B 145 9.20 17.77 37.06
CA VAL B 145 8.95 16.47 37.65
C VAL B 145 9.16 15.40 36.59
N CYS B 146 9.44 14.15 37.06
CA CYS B 146 9.65 12.98 36.19
C CYS B 146 8.35 12.22 36.02
N PRO B 147 7.98 11.83 34.79
CA PRO B 147 6.73 11.08 34.61
C PRO B 147 6.87 9.57 34.77
N ASP B 148 7.98 9.12 35.35
CA ASP B 148 8.22 7.71 35.62
C ASP B 148 8.39 7.38 37.09
N CYS B 149 8.92 8.30 37.90
CA CYS B 149 9.06 8.09 39.33
C CYS B 149 8.60 9.29 40.13
N GLY B 150 8.73 10.49 39.57
CA GLY B 150 8.20 11.69 40.17
C GLY B 150 9.18 12.57 40.93
N THR B 151 10.42 12.14 41.10
CA THR B 151 11.38 12.87 41.91
C THR B 151 11.57 14.29 41.40
N TRP B 155 17.82 15.86 37.63
CA TRP B 155 18.03 15.65 36.21
C TRP B 155 19.49 15.86 35.78
N THR B 156 19.85 15.26 34.65
CA THR B 156 21.17 15.44 34.06
C THR B 156 21.15 16.59 33.04
N GLU B 157 22.34 17.01 32.64
CA GLU B 157 22.44 18.00 31.57
C GLU B 157 21.86 17.42 30.28
N PRO B 158 21.18 18.22 29.47
CA PRO B 158 20.62 17.68 28.21
C PRO B 158 21.73 17.14 27.31
N ARG B 159 21.45 16.01 26.67
CA ARG B 159 22.31 15.43 25.65
C ARG B 159 21.51 15.32 24.36
N GLU B 160 22.09 15.76 23.26
CA GLU B 160 21.39 15.64 21.98
C GLU B 160 21.33 14.18 21.55
N PHE B 161 20.17 13.76 21.06
CA PHE B 161 19.94 12.38 20.63
C PHE B 161 19.33 12.41 19.23
N ASN B 162 19.97 11.72 18.30
CA ASN B 162 19.51 11.69 16.92
C ASN B 162 18.40 10.68 16.75
N MET B 163 17.29 11.10 16.15
CA MET B 163 16.06 10.32 16.13
C MET B 163 16.02 9.28 15.02
N MET B 164 16.97 9.29 14.09
CA MET B 164 16.99 8.27 13.05
C MET B 164 17.34 6.92 13.64
N LEU B 165 16.84 5.86 13.01
CA LEU B 165 17.14 4.49 13.42
C LEU B 165 18.32 3.97 12.61
N LYS B 166 19.23 3.29 13.29
CA LYS B 166 20.44 2.79 12.65
C LYS B 166 20.31 1.31 12.26
N THR B 167 21.12 0.91 11.29
CA THR B 167 21.25 -0.49 10.91
C THR B 167 22.60 -0.66 10.25
N TYR B 168 23.00 -1.92 10.06
CA TYR B 168 24.31 -2.26 9.53
C TYR B 168 24.13 -3.29 8.42
N LEU B 169 24.56 -2.92 7.21
CA LEU B 169 24.56 -3.84 6.08
C LEU B 169 25.94 -4.46 5.94
N GLY B 170 25.97 -5.72 5.55
CA GLY B 170 27.22 -6.43 5.41
C GLY B 170 27.63 -7.14 6.68
N PRO B 171 28.72 -7.91 6.60
CA PRO B 171 29.14 -8.71 7.77
C PRO B 171 29.77 -7.88 8.87
N ILE B 172 30.43 -6.78 8.54
CA ILE B 172 31.15 -5.99 9.53
C ILE B 172 30.21 -4.91 10.07
N GLU B 173 29.94 -4.96 11.38
CA GLU B 173 29.18 -3.93 12.07
C GLU B 173 30.12 -2.75 12.31
N SER B 174 30.31 -1.94 11.26
CA SER B 174 31.27 -0.85 11.27
C SER B 174 30.64 0.36 10.59
N ASP B 175 31.43 1.43 10.47
CA ASP B 175 30.94 2.66 9.83
C ASP B 175 30.76 2.49 8.32
N GLU B 176 31.43 1.51 7.72
CA GLU B 176 31.22 1.25 6.29
C GLU B 176 29.79 0.85 6.02
N GLY B 177 29.21 0.01 6.89
CA GLY B 177 27.88 -0.50 6.74
C GLY B 177 26.80 0.24 7.50
N LEU B 178 27.16 1.34 8.17
CA LEU B 178 26.15 2.11 8.87
C LEU B 178 25.18 2.74 7.87
N HIS B 179 23.89 2.46 8.03
CA HIS B 179 22.85 3.08 7.25
C HIS B 179 21.75 3.53 8.20
N TYR B 180 20.98 4.51 7.75
CA TYR B 180 19.85 5.04 8.51
C TYR B 180 18.55 4.60 7.85
N LEU B 181 17.68 3.96 8.60
CA LEU B 181 16.31 3.79 8.14
C LEU B 181 15.68 5.16 7.95
N ARG B 182 15.27 5.45 6.72
CA ARG B 182 14.86 6.80 6.36
C ARG B 182 13.85 7.35 7.38
N PRO B 183 14.02 8.60 7.85
CA PRO B 183 12.96 9.27 8.60
C PRO B 183 11.91 9.95 7.73
N GLU B 184 12.17 10.10 6.44
CA GLU B 184 11.19 10.67 5.51
C GLU B 184 11.44 10.09 4.13
N THR B 185 10.37 10.00 3.34
CA THR B 185 10.47 9.47 1.99
C THR B 185 10.90 10.54 0.98
N ALA B 186 11.10 11.79 1.41
CA ALA B 186 11.31 12.87 0.46
C ALA B 186 12.66 12.74 -0.26
N GLN B 187 13.70 12.26 0.44
CA GLN B 187 15.04 12.28 -0.13
C GLN B 187 15.17 11.32 -1.31
N GLY B 188 14.43 10.21 -1.31
CA GLY B 188 14.45 9.33 -2.48
C GLY B 188 13.80 9.96 -3.70
N ILE B 189 12.92 10.93 -3.48
CA ILE B 189 12.37 11.71 -4.59
C ILE B 189 13.40 12.73 -5.08
N PHE B 190 13.92 13.53 -4.16
CA PHE B 190 14.90 14.53 -4.54
C PHE B 190 16.05 13.90 -5.32
N THR B 191 16.59 12.79 -4.83
CA THR B 191 17.75 12.21 -5.49
C THR B 191 17.45 11.66 -6.88
N ASN B 192 16.17 11.47 -7.21
CA ASN B 192 15.75 11.00 -8.53
C ASN B 192 15.12 12.10 -9.38
N PHE B 193 15.11 13.34 -8.90
CA PHE B 193 14.46 14.42 -9.67
C PHE B 193 14.89 14.44 -11.14
N ALA B 194 16.20 14.31 -11.41
CA ALA B 194 16.67 14.37 -12.79
C ALA B 194 16.28 13.10 -13.57
N ASN B 195 16.43 11.93 -12.95
CA ASN B 195 16.00 10.71 -13.61
C ASN B 195 14.55 10.82 -14.05
N VAL B 196 13.70 11.41 -13.21
CA VAL B 196 12.27 11.46 -13.52
C VAL B 196 12.01 12.49 -14.60
N VAL B 197 12.61 13.68 -14.47
CA VAL B 197 12.50 14.68 -15.54
C VAL B 197 12.83 14.03 -16.88
N THR B 198 13.81 13.13 -16.89
CA THR B 198 14.27 12.55 -18.15
C THR B 198 13.32 11.47 -18.68
N THR B 199 13.04 10.45 -17.86
CA THR B 199 12.23 9.35 -18.39
C THR B 199 10.78 9.80 -18.55
N ALA B 200 10.26 10.55 -17.59
CA ALA B 200 8.87 10.95 -17.61
C ALA B 200 8.62 12.15 -18.51
N ARG B 201 9.67 12.77 -19.04
CA ARG B 201 9.52 13.95 -19.87
C ARG B 201 8.61 14.97 -19.15
N LYS B 202 9.14 15.54 -18.08
CA LYS B 202 8.37 16.47 -17.27
C LYS B 202 9.12 17.78 -17.15
N LYS B 203 8.37 18.84 -16.81
CA LYS B 203 8.95 20.16 -16.64
C LYS B 203 8.18 20.92 -15.57
N PRO B 204 8.89 21.64 -14.70
CA PRO B 204 8.22 22.42 -13.64
C PRO B 204 7.18 23.36 -14.24
N PRO B 205 5.98 23.45 -13.62
CA PRO B 205 5.57 22.83 -12.35
C PRO B 205 5.22 21.36 -12.55
N PHE B 206 5.75 20.46 -11.74
CA PHE B 206 5.29 19.07 -11.78
C PHE B 206 5.69 18.38 -10.50
N GLY B 207 4.96 17.32 -10.16
CA GLY B 207 5.11 16.65 -8.87
C GLY B 207 5.62 15.22 -8.98
N ILE B 208 6.37 14.80 -7.97
CA ILE B 208 6.72 13.39 -7.77
C ILE B 208 6.12 12.95 -6.45
N ALA B 209 5.27 11.92 -6.49
CA ALA B 209 4.54 11.44 -5.33
C ALA B 209 4.95 10.03 -4.94
N GLN B 210 4.80 9.71 -3.65
CA GLN B 210 5.32 8.47 -3.10
C GLN B 210 4.58 8.14 -1.82
N THR B 211 4.44 6.85 -1.56
CA THR B 211 3.98 6.36 -0.26
C THR B 211 4.96 5.33 0.27
N GLY B 212 5.19 5.34 1.58
CA GLY B 212 6.09 4.34 2.12
C GLY B 212 6.25 4.45 3.61
N LYS B 213 6.94 3.45 4.16
CA LYS B 213 7.23 3.42 5.59
C LYS B 213 8.40 4.33 5.93
N SER B 214 8.27 5.05 7.04
CA SER B 214 9.34 5.81 7.63
C SER B 214 9.49 5.40 9.09
N PHE B 215 10.67 5.69 9.65
CA PHE B 215 11.04 5.23 10.98
C PHE B 215 11.69 6.37 11.76
N ARG B 216 11.18 6.64 12.96
CA ARG B 216 11.76 7.62 13.86
C ARG B 216 11.86 7.01 15.25
N ASN B 217 12.98 7.30 15.92
CA ASN B 217 13.25 6.76 17.25
C ASN B 217 12.48 7.59 18.28
N GLU B 218 11.16 7.48 18.21
CA GLU B 218 10.28 8.26 19.10
C GLU B 218 10.42 7.76 20.52
N ILE B 219 10.75 8.67 21.45
CA ILE B 219 11.09 8.29 22.81
C ILE B 219 9.86 7.81 23.59
N THR B 220 8.68 8.34 23.26
CA THR B 220 7.45 7.98 23.95
C THR B 220 6.37 7.66 22.93
N PRO B 221 5.50 6.70 23.24
CA PRO B 221 4.41 6.37 22.31
C PRO B 221 3.25 7.34 22.43
N GLY B 222 2.63 7.60 21.29
CA GLY B 222 1.52 8.54 21.23
C GLY B 222 0.24 7.96 21.74
N ASN B 223 -0.80 8.81 21.75
CA ASN B 223 -2.15 8.33 22.02
C ASN B 223 -2.56 7.38 20.90
N PHE B 224 -2.84 6.12 21.24
CA PHE B 224 -3.29 5.13 20.28
C PHE B 224 -2.24 5.06 19.18
N ILE B 225 -2.58 5.23 17.92
CA ILE B 225 -1.63 5.08 16.83
C ILE B 225 -1.08 6.41 16.35
N PHE B 226 -1.33 7.50 17.10
CA PHE B 226 -0.98 8.83 16.58
C PHE B 226 0.52 8.97 16.38
N ARG B 227 1.31 8.53 17.37
CA ARG B 227 2.76 8.66 17.30
C ARG B 227 3.40 7.30 17.54
N THR B 228 4.02 6.76 16.50
CA THR B 228 4.64 5.44 16.51
C THR B 228 6.04 5.55 15.93
N ARG B 229 6.88 4.56 16.22
CA ARG B 229 8.24 4.57 15.70
C ARG B 229 8.32 4.20 14.23
N GLU B 230 7.32 3.49 13.72
CA GLU B 230 7.24 3.05 12.34
C GLU B 230 5.88 3.51 11.84
N PHE B 231 5.87 4.35 10.81
CA PHE B 231 4.61 4.89 10.30
C PHE B 231 4.66 4.89 8.78
N GLU B 232 3.53 5.21 8.16
CA GLU B 232 3.46 5.29 6.70
C GLU B 232 3.12 6.71 6.27
N GLN B 233 3.96 7.27 5.41
CA GLN B 233 3.74 8.60 4.88
C GLN B 233 3.26 8.55 3.44
N MET B 234 2.57 9.62 3.06
CA MET B 234 2.19 9.92 1.67
C MET B 234 2.70 11.31 1.38
N GLU B 235 3.78 11.40 0.61
CA GLU B 235 4.47 12.65 0.38
C GLU B 235 4.53 12.93 -1.12
N MET B 236 4.38 14.21 -1.47
CA MET B 236 4.53 14.64 -2.85
C MET B 236 5.40 15.88 -2.88
N GLU B 237 6.41 15.88 -3.74
CA GLU B 237 7.29 17.03 -3.94
C GLU B 237 6.94 17.67 -5.27
N PHE B 238 6.48 18.91 -5.23
CA PHE B 238 6.00 19.65 -6.40
C PHE B 238 7.06 20.69 -6.74
N PHE B 239 7.80 20.42 -7.82
CA PHE B 239 8.89 21.29 -8.25
C PHE B 239 8.32 22.38 -9.14
N VAL B 240 8.60 23.63 -8.76
CA VAL B 240 8.03 24.79 -9.42
C VAL B 240 9.13 25.80 -9.67
N GLU B 241 8.93 26.64 -10.68
CA GLU B 241 9.80 27.78 -10.90
C GLU B 241 9.69 28.74 -9.72
N PRO B 242 10.80 29.20 -9.15
CA PRO B 242 10.70 29.93 -7.87
C PRO B 242 9.68 31.06 -7.82
N SER B 243 9.55 31.88 -8.88
CA SER B 243 8.68 33.06 -8.75
C SER B 243 7.21 32.68 -8.58
N THR B 244 6.85 31.42 -8.84
CA THR B 244 5.48 30.96 -8.65
C THR B 244 5.27 30.20 -7.34
N ALA B 245 6.34 29.89 -6.60
CA ALA B 245 6.23 28.98 -5.48
C ALA B 245 5.13 29.41 -4.51
N LYS B 246 5.23 30.63 -3.98
CA LYS B 246 4.21 31.15 -3.08
C LYS B 246 2.81 30.87 -3.62
N GLU B 247 2.51 31.28 -4.85
CA GLU B 247 1.17 31.05 -5.38
C GLU B 247 0.84 29.55 -5.32
N TRP B 248 1.71 28.73 -5.93
CA TRP B 248 1.48 27.29 -5.91
C TRP B 248 1.28 26.80 -4.48
N HIS B 249 2.06 27.35 -3.55
CA HIS B 249 1.95 26.92 -2.17
C HIS B 249 0.51 26.96 -1.71
N GLN B 250 -0.13 28.14 -1.82
CA GLN B 250 -1.48 28.27 -1.32
C GLN B 250 -2.39 27.25 -2.01
N TYR B 251 -2.20 27.09 -3.32
CA TYR B 251 -2.97 26.13 -4.08
C TYR B 251 -2.98 24.78 -3.37
N TRP B 252 -1.80 24.24 -3.09
CA TRP B 252 -1.75 22.91 -2.50
C TRP B 252 -2.35 22.92 -1.09
N ILE B 253 -2.07 23.97 -0.31
CA ILE B 253 -2.69 24.05 1.01
C ILE B 253 -4.19 23.92 0.89
N ASP B 254 -4.79 24.62 -0.10
CA ASP B 254 -6.22 24.53 -0.28
C ASP B 254 -6.61 23.16 -0.79
N THR B 255 -5.87 22.68 -1.80
CA THR B 255 -6.24 21.43 -2.47
C THR B 255 -6.24 20.29 -1.48
N ARG B 256 -5.11 20.08 -0.79
CA ARG B 256 -5.06 19.06 0.26
C ARG B 256 -6.24 19.20 1.21
N LEU B 257 -6.53 20.41 1.67
CA LEU B 257 -7.61 20.56 2.65
C LEU B 257 -8.89 19.99 2.09
N GLN B 258 -9.24 20.41 0.86
CA GLN B 258 -10.48 19.96 0.26
C GLN B 258 -10.54 18.44 0.15
N TRP B 259 -9.38 17.80 -0.07
CA TRP B 259 -9.33 16.35 -0.15
C TRP B 259 -9.97 15.72 1.08
N TYR B 260 -9.54 16.13 2.26
CA TYR B 260 -10.12 15.56 3.47
C TYR B 260 -11.62 15.82 3.51
N VAL B 261 -12.04 17.03 3.12
CA VAL B 261 -13.46 17.33 3.16
C VAL B 261 -14.20 16.45 2.14
N ASP B 262 -13.56 16.19 0.99
CA ASP B 262 -14.28 15.47 -0.06
C ASP B 262 -14.50 14.02 0.32
N LEU B 263 -13.63 13.47 1.16
CA LEU B 263 -13.75 12.08 1.60
C LEU B 263 -14.50 11.95 2.91
N GLY B 264 -15.15 13.01 3.39
CA GLY B 264 -16.16 12.91 4.43
C GLY B 264 -15.83 13.60 5.74
N ILE B 265 -14.63 14.14 5.93
CA ILE B 265 -14.29 14.77 7.19
C ILE B 265 -15.03 16.10 7.32
N ASP B 266 -15.65 16.31 8.48
CA ASP B 266 -16.33 17.57 8.73
C ASP B 266 -15.33 18.72 8.64
N ARG B 267 -15.65 19.72 7.81
CA ARG B 267 -14.76 20.87 7.65
C ARG B 267 -14.49 21.55 8.99
N ASP B 268 -15.50 21.58 9.86
CA ASP B 268 -15.33 22.24 11.16
C ASP B 268 -14.26 21.56 12.02
N ASN B 269 -13.97 20.29 11.78
CA ASN B 269 -12.93 19.58 12.53
C ASN B 269 -11.55 19.74 11.91
N LEU B 270 -11.40 20.64 10.93
CA LEU B 270 -10.12 20.89 10.29
C LEU B 270 -9.75 22.35 10.45
N ARG B 271 -8.45 22.62 10.52
CA ARG B 271 -7.97 23.99 10.64
C ARG B 271 -6.57 24.07 10.06
N LEU B 272 -6.07 25.30 9.90
CA LEU B 272 -4.74 25.55 9.40
C LEU B 272 -3.92 26.25 10.47
N TYR B 273 -2.65 25.85 10.57
CA TYR B 273 -1.72 26.39 11.56
C TYR B 273 -0.44 26.78 10.84
N GLU B 274 0.02 28.01 11.06
CA GLU B 274 1.25 28.51 10.46
C GLU B 274 2.43 28.23 11.39
N HIS B 275 3.42 27.50 10.89
CA HIS B 275 4.61 27.23 11.69
C HIS B 275 5.37 28.54 11.95
N PRO B 276 5.73 28.84 13.19
CA PRO B 276 6.61 30.00 13.46
C PRO B 276 8.03 29.69 13.03
N PRO B 277 8.89 30.71 12.92
CA PRO B 277 10.26 30.46 12.46
C PRO B 277 11.03 29.50 13.34
N GLU B 278 10.72 29.42 14.63
CA GLU B 278 11.49 28.59 15.55
C GLU B 278 11.16 27.11 15.40
N LYS B 279 9.91 26.78 15.09
CA LYS B 279 9.50 25.39 14.89
C LYS B 279 9.61 24.95 13.44
N LEU B 280 10.19 25.78 12.57
CA LEU B 280 10.39 25.40 11.18
C LEU B 280 11.44 24.30 11.08
N SER B 281 11.20 23.32 10.21
CA SER B 281 12.18 22.28 9.95
C SER B 281 13.45 22.89 9.35
N HIS B 282 14.53 22.09 9.38
CA HIS B 282 15.81 22.55 8.84
C HIS B 282 15.79 22.65 7.31
N TYR B 283 14.74 22.15 6.66
CA TYR B 283 14.60 22.19 5.22
C TYR B 283 13.53 23.15 4.75
N ALA B 284 12.90 23.90 5.66
CA ALA B 284 11.71 24.68 5.34
C ALA B 284 11.91 26.16 5.57
N GLU B 285 11.32 26.96 4.68
CA GLU B 285 11.19 28.41 4.83
C GLU B 285 9.85 28.79 5.45
N ARG B 286 8.76 28.21 4.93
CA ARG B 286 7.41 28.45 5.45
C ARG B 286 6.67 27.11 5.46
N THR B 287 5.91 26.86 6.52
CA THR B 287 5.18 25.63 6.67
C THR B 287 3.78 25.94 7.20
N VAL B 288 2.80 25.25 6.64
CA VAL B 288 1.42 25.30 7.11
C VAL B 288 0.99 23.87 7.36
N ASP B 289 0.42 23.62 8.53
CA ASP B 289 -0.08 22.30 8.89
C ASP B 289 -1.59 22.32 8.80
N ILE B 290 -2.15 21.31 8.15
CA ILE B 290 -3.55 20.98 8.38
C ILE B 290 -3.62 20.27 9.72
N GLU B 291 -4.57 20.67 10.56
CA GLU B 291 -4.75 20.08 11.88
C GLU B 291 -6.17 19.57 11.97
N TYR B 292 -6.33 18.44 12.66
CA TYR B 292 -7.62 17.81 12.86
C TYR B 292 -7.93 17.77 14.36
N LYS B 293 -9.22 17.85 14.68
CA LYS B 293 -9.66 17.84 16.07
C LYS B 293 -9.80 16.38 16.49
N TYR B 294 -8.68 15.78 16.91
CA TYR B 294 -8.67 14.38 17.26
C TYR B 294 -9.45 14.10 18.56
N GLY B 295 -9.42 15.04 19.50
CA GLY B 295 -10.07 14.85 20.76
C GLY B 295 -9.15 14.49 21.90
N PHE B 296 -7.88 14.86 21.82
CA PHE B 296 -6.97 14.58 22.93
C PHE B 296 -7.40 15.34 24.18
N ALA B 297 -7.04 14.80 25.34
CA ALA B 297 -7.17 15.58 26.57
C ALA B 297 -6.39 16.88 26.43
N GLY B 298 -6.93 17.97 26.99
CA GLY B 298 -6.26 19.26 26.89
C GLY B 298 -6.51 19.92 25.55
N ASP B 299 -5.44 20.15 24.76
CA ASP B 299 -5.58 20.59 23.39
C ASP B 299 -6.06 19.40 22.57
N PRO B 300 -7.27 19.43 22.01
CA PRO B 300 -7.74 18.30 21.20
C PRO B 300 -7.22 18.29 19.77
N TRP B 301 -6.44 19.29 19.37
CA TRP B 301 -6.02 19.45 17.99
C TRP B 301 -4.64 18.87 17.77
N GLY B 302 -4.45 18.24 16.61
CA GLY B 302 -3.16 17.67 16.28
C GLY B 302 -2.87 17.75 14.80
N GLU B 303 -1.59 17.70 14.47
CA GLU B 303 -1.17 17.75 13.08
C GLU B 303 -1.75 16.57 12.31
N LEU B 304 -2.18 16.83 11.07
CA LEU B 304 -2.68 15.82 10.15
C LEU B 304 -1.87 15.75 8.87
N GLU B 305 -1.46 16.91 8.33
CA GLU B 305 -0.64 16.97 7.12
C GLU B 305 0.16 18.26 7.15
N GLY B 306 1.43 18.18 6.74
CA GLY B 306 2.31 19.33 6.69
C GLY B 306 2.57 19.73 5.25
N ILE B 307 2.30 20.99 4.95
CA ILE B 307 2.44 21.51 3.59
C ILE B 307 3.48 22.60 3.62
N ALA B 308 4.68 22.29 3.13
CA ALA B 308 5.86 23.12 3.35
C ALA B 308 6.43 23.66 2.04
N ASN B 309 6.90 24.90 2.09
CA ASN B 309 7.64 25.52 0.99
C ASN B 309 9.13 25.35 1.30
N ARG B 310 9.74 24.32 0.72
CA ARG B 310 11.12 23.98 1.01
C ARG B 310 12.11 24.69 0.09
N THR B 311 11.74 25.85 -0.45
CA THR B 311 12.50 26.59 -1.46
C THR B 311 13.38 25.67 -2.30
N ASP B 312 14.64 26.03 -2.51
CA ASP B 312 15.54 25.25 -3.35
C ASP B 312 16.56 24.48 -2.52
N PHE B 313 16.27 24.25 -1.25
CA PHE B 313 17.24 23.64 -0.35
C PHE B 313 17.67 22.26 -0.85
N ASP B 314 16.70 21.40 -1.16
CA ASP B 314 16.97 19.97 -1.27
C ASP B 314 17.77 19.64 -2.53
N LEU B 315 17.32 20.15 -3.69
CA LEU B 315 18.07 19.95 -4.92
C LEU B 315 19.44 20.62 -4.84
N SER B 316 19.53 21.78 -4.20
CA SER B 316 20.82 22.43 -4.01
C SER B 316 21.79 21.53 -3.26
N THR B 317 21.40 21.08 -2.07
CA THR B 317 22.32 20.33 -1.23
C THR B 317 22.70 19.01 -1.89
N HIS B 318 21.76 18.36 -2.57
CA HIS B 318 22.11 17.09 -3.21
C HIS B 318 23.01 17.30 -4.43
N SER B 319 22.83 18.41 -5.16
CA SER B 319 23.79 18.73 -6.22
C SER B 319 25.17 19.00 -5.65
N LYS B 320 25.24 19.73 -4.52
CA LYS B 320 26.54 20.05 -3.93
C LYS B 320 27.26 18.80 -3.46
N HIS B 321 26.53 17.90 -2.79
CA HIS B 321 27.17 16.75 -2.15
C HIS B 321 27.44 15.61 -3.13
N SER B 322 26.54 15.38 -4.09
CA SER B 322 26.72 14.26 -5.00
C SER B 322 27.56 14.60 -6.21
N GLY B 323 27.77 15.87 -6.50
CA GLY B 323 28.43 16.28 -7.72
C GLY B 323 27.56 16.27 -8.94
N VAL B 324 26.31 15.81 -8.83
CA VAL B 324 25.41 15.71 -9.95
C VAL B 324 24.55 16.97 -10.01
N ASP B 325 24.49 17.59 -11.20
CA ASP B 325 23.65 18.76 -11.40
C ASP B 325 22.18 18.37 -11.39
N LEU B 326 21.43 18.86 -10.40
CA LEU B 326 20.00 18.61 -10.30
C LEU B 326 19.19 19.85 -10.65
N SER B 327 19.81 20.88 -11.20
CA SER B 327 19.07 22.04 -11.64
C SER B 327 18.24 21.69 -12.87
N TYR B 328 17.27 22.54 -13.18
CA TYR B 328 16.43 22.37 -14.34
C TYR B 328 16.73 23.42 -15.39
N TYR B 329 16.75 23.00 -16.66
CA TYR B 329 17.01 23.88 -17.79
C TYR B 329 15.73 24.07 -18.60
N ASP B 330 15.15 25.28 -18.54
CA ASP B 330 14.02 25.67 -19.35
C ASP B 330 14.52 26.05 -20.74
N GLN B 331 14.17 25.24 -21.74
CA GLN B 331 14.59 25.48 -23.11
C GLN B 331 13.73 26.52 -23.79
N ALA B 332 12.45 26.62 -23.40
CA ALA B 332 11.58 27.66 -23.94
C ALA B 332 12.13 29.06 -23.68
N THR B 333 13.07 29.19 -22.75
CA THR B 333 13.62 30.48 -22.40
C THR B 333 15.15 30.49 -22.36
N ASP B 334 15.79 29.35 -22.59
CA ASP B 334 17.23 29.22 -22.40
C ASP B 334 17.63 29.82 -21.05
N THR B 335 17.12 29.20 -19.99
CA THR B 335 17.49 29.57 -18.63
C THR B 335 17.63 28.31 -17.78
N ARG B 336 18.34 28.43 -16.67
CA ARG B 336 18.58 27.29 -15.78
C ARG B 336 18.37 27.75 -14.35
N TYR B 337 17.53 27.02 -13.61
CA TYR B 337 17.26 27.36 -12.22
C TYR B 337 17.06 26.08 -11.43
N VAL B 338 17.37 26.17 -10.14
CA VAL B 338 17.03 25.11 -9.18
C VAL B 338 15.56 25.31 -8.82
N PRO B 339 14.69 24.33 -9.07
CA PRO B 339 13.28 24.51 -8.70
C PRO B 339 13.12 24.73 -7.21
N TYR B 340 12.10 25.51 -6.86
CA TYR B 340 11.57 25.48 -5.51
C TYR B 340 10.68 24.25 -5.36
N VAL B 341 10.43 23.87 -4.11
CA VAL B 341 9.67 22.65 -3.82
C VAL B 341 8.54 22.98 -2.86
N ILE B 342 7.30 22.70 -3.28
CA ILE B 342 6.14 22.66 -2.39
C ILE B 342 5.89 21.20 -2.05
N GLU B 343 5.72 20.90 -0.77
CA GLU B 343 5.63 19.51 -0.32
C GLU B 343 4.41 19.28 0.54
N PRO B 344 3.37 18.62 0.03
CA PRO B 344 2.33 18.06 0.92
C PRO B 344 2.76 16.69 1.41
N ALA B 345 2.95 16.58 2.73
CA ALA B 345 3.34 15.33 3.38
C ALA B 345 2.25 14.99 4.39
N ALA B 346 1.48 13.95 4.09
CA ALA B 346 0.43 13.43 4.95
C ALA B 346 0.89 12.16 5.64
N GLY B 347 0.20 11.82 6.72
CA GLY B 347 0.40 10.57 7.42
C GLY B 347 -0.73 9.61 7.08
N LEU B 348 -0.35 8.43 6.58
CA LEU B 348 -1.35 7.40 6.32
C LEU B 348 -2.05 7.00 7.61
N THR B 349 -1.26 6.71 8.64
CA THR B 349 -1.84 6.27 9.90
C THR B 349 -2.55 7.42 10.62
N ARG B 350 -1.98 8.63 10.58
CA ARG B 350 -2.71 9.76 11.15
C ARG B 350 -3.98 10.06 10.36
N SER B 351 -3.96 9.85 9.04
CA SER B 351 -5.17 10.08 8.26
C SER B 351 -6.21 9.01 8.57
N LEU B 352 -5.78 7.77 8.78
CA LEU B 352 -6.72 6.72 9.16
C LEU B 352 -7.33 7.02 10.53
N MET B 353 -6.51 7.50 11.47
CA MET B 353 -7.06 7.88 12.76
C MET B 353 -8.06 9.01 12.62
N ALA B 354 -7.74 10.02 11.80
CA ALA B 354 -8.65 11.14 11.63
C ALA B 354 -9.96 10.69 10.99
N PHE B 355 -9.89 9.90 9.91
CA PHE B 355 -11.10 9.45 9.24
C PHE B 355 -11.94 8.61 10.19
N LEU B 356 -11.29 7.74 10.97
CA LEU B 356 -12.02 6.85 11.87
C LEU B 356 -12.69 7.62 13.00
N ILE B 357 -12.01 8.63 13.55
CA ILE B 357 -12.62 9.42 14.60
C ILE B 357 -13.77 10.25 14.05
N ASP B 358 -13.57 10.89 12.89
CA ASP B 358 -14.63 11.74 12.36
C ASP B 358 -15.85 10.92 11.99
N ALA B 359 -15.64 9.67 11.55
CA ALA B 359 -16.75 8.83 11.11
C ALA B 359 -17.60 8.34 12.28
N TYR B 360 -17.00 8.19 13.46
CA TYR B 360 -17.72 7.63 14.59
C TYR B 360 -18.93 8.49 14.92
N SER B 361 -20.02 7.83 15.31
CA SER B 361 -21.22 8.55 15.71
C SER B 361 -22.16 7.59 16.42
N GLU B 362 -23.01 8.16 17.27
CA GLU B 362 -24.02 7.40 17.99
C GLU B 362 -25.36 8.05 17.72
N ASP B 363 -26.30 7.28 17.17
CA ASP B 363 -27.63 7.81 16.89
C ASP B 363 -28.69 6.85 17.39
N GLU B 364 -29.89 7.38 17.61
CA GLU B 364 -31.00 6.59 18.13
C GLU B 364 -31.71 5.93 16.95
N ALA B 365 -31.56 4.62 16.85
CA ALA B 365 -32.17 3.86 15.77
C ALA B 365 -33.23 2.92 16.32
N PRO B 366 -34.40 2.85 15.68
CA PRO B 366 -35.42 1.88 16.13
C PRO B 366 -34.92 0.46 16.02
N ASN B 367 -35.43 -0.39 16.91
CA ASN B 367 -35.12 -1.82 16.92
C ASN B 367 -36.37 -2.59 16.54
N ALA B 368 -36.21 -3.92 16.47
CA ALA B 368 -37.32 -4.78 16.09
C ALA B 368 -38.41 -4.77 17.15
N LYS B 369 -38.06 -4.57 18.43
CA LYS B 369 -39.06 -4.61 19.49
C LYS B 369 -40.07 -3.47 19.40
N GLY B 370 -39.84 -2.49 18.52
CA GLY B 370 -40.63 -1.28 18.52
C GLY B 370 -40.09 -0.19 19.41
N GLY B 371 -38.85 -0.31 19.87
CA GLY B 371 -38.21 0.68 20.69
C GLY B 371 -37.08 1.39 19.98
N VAL B 372 -36.25 2.06 20.76
CA VAL B 372 -35.18 2.90 20.23
C VAL B 372 -33.91 2.60 20.99
N ASP B 373 -32.87 2.15 20.28
CA ASP B 373 -31.58 1.85 20.88
C ASP B 373 -30.55 2.89 20.48
N LYS B 374 -29.48 2.98 21.28
CA LYS B 374 -28.29 3.69 20.87
C LYS B 374 -27.53 2.81 19.88
N ARG B 375 -27.14 3.39 18.75
CA ARG B 375 -26.50 2.65 17.67
C ARG B 375 -25.17 3.31 17.37
N THR B 376 -24.11 2.51 17.37
CA THR B 376 -22.78 2.96 17.01
C THR B 376 -22.59 2.75 15.53
N VAL B 377 -22.32 3.84 14.80
CA VAL B 377 -22.15 3.80 13.35
C VAL B 377 -20.90 4.57 12.97
N LEU B 378 -20.09 3.99 12.09
CA LEU B 378 -18.97 4.67 11.44
C LEU B 378 -19.47 5.16 10.09
N ARG B 379 -19.64 6.47 9.94
CA ARG B 379 -20.23 7.01 8.71
C ARG B 379 -19.13 7.27 7.67
N PHE B 380 -18.49 6.18 7.25
CA PHE B 380 -17.41 6.27 6.28
C PHE B 380 -17.94 6.70 4.90
N ASP B 381 -17.08 7.38 4.15
CA ASP B 381 -17.29 7.50 2.71
C ASP B 381 -17.20 6.10 2.09
N PRO B 382 -18.07 5.76 1.14
CA PRO B 382 -18.03 4.40 0.58
C PRO B 382 -16.65 4.00 0.10
N ARG B 383 -15.87 4.94 -0.42
CA ARG B 383 -14.57 4.63 -1.00
C ARG B 383 -13.54 4.26 0.06
N LEU B 384 -13.80 4.57 1.32
CA LEU B 384 -12.90 4.22 2.40
C LEU B 384 -13.36 3.00 3.19
N ALA B 385 -14.67 2.78 3.28
CA ALA B 385 -15.19 1.71 4.11
C ALA B 385 -14.45 0.40 3.82
N PRO B 386 -14.08 -0.36 4.85
CA PRO B 386 -13.32 -1.59 4.60
C PRO B 386 -14.16 -2.70 4.01
N VAL B 387 -15.47 -2.70 4.28
CA VAL B 387 -16.41 -3.67 3.75
C VAL B 387 -17.49 -2.89 3.00
N LYS B 388 -17.61 -3.14 1.70
CA LYS B 388 -18.53 -2.34 0.92
C LYS B 388 -19.96 -2.88 1.01
N VAL B 389 -20.13 -4.20 1.13
CA VAL B 389 -21.46 -4.80 1.12
C VAL B 389 -21.46 -6.02 2.04
N ALA B 390 -22.58 -6.22 2.74
CA ALA B 390 -22.80 -7.40 3.56
C ALA B 390 -23.96 -8.19 2.99
N VAL B 391 -23.73 -9.49 2.77
CA VAL B 391 -24.77 -10.39 2.28
C VAL B 391 -25.29 -11.19 3.48
N LEU B 392 -26.57 -11.01 3.78
CA LEU B 392 -27.15 -11.51 5.03
C LEU B 392 -28.42 -12.30 4.72
N PRO B 393 -28.33 -13.62 4.61
CA PRO B 393 -29.57 -14.41 4.55
C PRO B 393 -30.42 -14.15 5.79
N LEU B 394 -31.74 -14.13 5.59
CA LEU B 394 -32.63 -13.80 6.71
C LEU B 394 -32.45 -14.77 7.86
N SER B 395 -32.15 -16.03 7.55
CA SER B 395 -31.92 -17.05 8.56
C SER B 395 -30.94 -18.05 7.98
N ARG B 396 -30.54 -19.01 8.81
CA ARG B 396 -29.68 -20.12 8.40
C ARG B 396 -30.40 -21.12 7.53
N HIS B 397 -31.64 -20.85 7.12
CA HIS B 397 -32.43 -21.85 6.40
C HIS B 397 -31.69 -22.32 5.17
N ALA B 398 -31.86 -23.61 4.85
CA ALA B 398 -31.12 -24.22 3.75
C ALA B 398 -31.51 -23.64 2.40
N ASP B 399 -32.74 -23.12 2.27
CA ASP B 399 -33.20 -22.59 0.99
C ASP B 399 -32.66 -21.19 0.69
N LEU B 400 -32.25 -20.45 1.72
CA LEU B 400 -31.74 -19.09 1.52
C LEU B 400 -30.24 -19.08 1.22
N SER B 401 -29.50 -20.08 1.66
CA SER B 401 -28.06 -20.02 1.54
C SER B 401 -27.57 -20.11 0.09
N PRO B 402 -28.24 -20.87 -0.78
CA PRO B 402 -27.76 -20.91 -2.18
C PRO B 402 -27.75 -19.55 -2.86
N LYS B 403 -28.90 -18.87 -2.89
CA LYS B 403 -28.96 -17.54 -3.49
C LYS B 403 -28.02 -16.59 -2.78
N ALA B 404 -28.02 -16.61 -1.44
CA ALA B 404 -27.17 -15.69 -0.68
C ALA B 404 -25.68 -15.91 -1.02
N ARG B 405 -25.27 -17.17 -1.15
CA ARG B 405 -23.86 -17.47 -1.41
C ARG B 405 -23.47 -17.09 -2.83
N ASP B 406 -24.34 -17.38 -3.79
CA ASP B 406 -24.06 -16.98 -5.17
C ASP B 406 -23.98 -15.46 -5.29
N LEU B 407 -24.86 -14.74 -4.59
CA LEU B 407 -24.79 -13.29 -4.64
C LEU B 407 -23.51 -12.77 -3.99
N ALA B 408 -23.12 -13.36 -2.86
CA ALA B 408 -21.87 -12.96 -2.22
C ALA B 408 -20.69 -13.17 -3.16
N ALA B 409 -20.66 -14.28 -3.91
CA ALA B 409 -19.56 -14.52 -4.84
C ALA B 409 -19.57 -13.48 -5.97
N GLU B 410 -20.73 -13.28 -6.60
CA GLU B 410 -20.81 -12.28 -7.66
C GLU B 410 -20.26 -10.95 -7.16
N LEU B 411 -20.65 -10.55 -5.95
CA LEU B 411 -20.21 -9.26 -5.43
C LEU B 411 -18.71 -9.27 -5.11
N ARG B 412 -18.20 -10.39 -4.61
CA ARG B 412 -16.77 -10.45 -4.32
C ARG B 412 -15.94 -10.28 -5.57
N GLN B 413 -16.50 -10.58 -6.74
CA GLN B 413 -15.79 -10.29 -7.98
C GLN B 413 -15.38 -8.82 -8.07
N HIS B 414 -16.13 -7.91 -7.45
CA HIS B 414 -15.87 -6.48 -7.54
C HIS B 414 -15.41 -5.85 -6.23
N TRP B 415 -15.96 -6.27 -5.10
CA TRP B 415 -15.70 -5.59 -3.84
C TRP B 415 -15.36 -6.60 -2.76
N ASN B 416 -14.81 -6.10 -1.66
CA ASN B 416 -14.64 -6.87 -0.44
C ASN B 416 -16.00 -7.01 0.23
N VAL B 417 -16.41 -8.25 0.47
CA VAL B 417 -17.77 -8.56 0.88
C VAL B 417 -17.73 -9.39 2.15
N GLU B 418 -18.80 -9.28 2.93
CA GLU B 418 -18.95 -9.99 4.20
C GLU B 418 -20.26 -10.77 4.17
N PHE B 419 -20.18 -12.06 4.47
CA PHE B 419 -21.33 -12.96 4.56
C PHE B 419 -21.50 -13.35 6.02
N ASP B 420 -22.72 -13.25 6.53
CA ASP B 420 -22.99 -13.57 7.94
C ASP B 420 -24.43 -14.03 8.08
N ASP B 421 -24.62 -15.30 8.41
CA ASP B 421 -25.95 -15.85 8.65
C ASP B 421 -26.20 -16.11 10.13
N ALA B 422 -25.34 -15.60 11.01
CA ALA B 422 -25.40 -15.94 12.43
C ALA B 422 -26.22 -14.92 13.21
N GLY B 423 -27.20 -15.42 13.96
CA GLY B 423 -27.97 -14.57 14.85
C GLY B 423 -29.10 -13.84 14.15
N ALA B 424 -29.82 -13.06 14.95
CA ALA B 424 -30.94 -12.28 14.44
C ALA B 424 -30.43 -11.25 13.43
N ILE B 425 -31.26 -10.98 12.41
CA ILE B 425 -30.83 -10.13 11.32
C ILE B 425 -30.55 -8.71 11.81
N GLY B 426 -31.42 -8.15 12.65
CA GLY B 426 -31.19 -6.80 13.13
C GLY B 426 -29.86 -6.63 13.84
N ARG B 427 -29.51 -7.60 14.68
CA ARG B 427 -28.21 -7.56 15.35
C ARG B 427 -27.08 -7.57 14.33
N ARG B 428 -27.26 -8.29 13.22
CA ARG B 428 -26.23 -8.30 12.18
C ARG B 428 -26.16 -6.96 11.46
N TYR B 429 -27.31 -6.35 11.16
CA TYR B 429 -27.31 -5.01 10.61
C TYR B 429 -26.48 -4.08 11.47
N ARG B 430 -26.69 -4.16 12.80
CA ARG B 430 -25.94 -3.27 13.69
C ARG B 430 -24.47 -3.63 13.76
N ARG B 431 -24.15 -4.92 13.67
CA ARG B 431 -22.74 -5.34 13.63
C ARG B 431 -22.04 -4.74 12.42
N GLN B 432 -22.75 -4.65 11.29
CA GLN B 432 -22.18 -4.03 10.11
C GLN B 432 -22.10 -2.51 10.26
N ASP B 433 -23.16 -1.89 10.79
CA ASP B 433 -23.13 -0.45 11.00
C ASP B 433 -21.94 -0.05 11.88
N GLU B 434 -21.60 -0.91 12.84
CA GLU B 434 -20.51 -0.61 13.76
C GLU B 434 -19.18 -0.45 13.04
N VAL B 435 -19.02 -1.04 11.86
CA VAL B 435 -17.76 -0.98 11.12
C VAL B 435 -17.89 -0.24 9.80
N GLY B 436 -18.97 0.51 9.62
CA GLY B 436 -19.08 1.41 8.49
C GLY B 436 -19.52 0.80 7.18
N THR B 437 -20.03 -0.42 7.19
CA THR B 437 -20.45 -1.05 5.95
C THR B 437 -21.56 -0.24 5.29
N PRO B 438 -21.38 0.21 4.04
CA PRO B 438 -22.38 1.12 3.45
C PRO B 438 -23.71 0.47 3.13
N TYR B 439 -23.74 -0.83 2.83
CA TYR B 439 -24.98 -1.46 2.40
C TYR B 439 -25.05 -2.90 2.86
N CYS B 440 -26.26 -3.30 3.25
CA CYS B 440 -26.55 -4.67 3.61
C CYS B 440 -27.57 -5.23 2.63
N VAL B 441 -27.29 -6.42 2.11
CA VAL B 441 -28.18 -7.08 1.17
C VAL B 441 -28.79 -8.27 1.89
N THR B 442 -30.10 -8.20 2.14
CA THR B 442 -30.84 -9.24 2.83
C THR B 442 -31.53 -10.14 1.82
N VAL B 443 -31.33 -11.44 1.98
CA VAL B 443 -31.98 -12.47 1.19
C VAL B 443 -33.04 -13.13 2.07
N ASP B 444 -34.30 -12.93 1.75
CA ASP B 444 -35.39 -13.51 2.53
C ASP B 444 -36.11 -14.59 1.72
N PHE B 445 -37.21 -15.11 2.25
CA PHE B 445 -37.89 -16.23 1.62
C PHE B 445 -38.62 -15.79 0.35
N ASP B 446 -39.17 -14.56 0.35
CA ASP B 446 -39.76 -14.03 -0.87
C ASP B 446 -38.74 -14.00 -2.01
N SER B 447 -37.46 -13.85 -1.69
CA SER B 447 -36.44 -13.83 -2.72
C SER B 447 -36.44 -15.12 -3.54
N LEU B 448 -36.86 -16.24 -2.94
CA LEU B 448 -36.90 -17.49 -3.66
C LEU B 448 -37.95 -17.47 -4.78
N GLU B 449 -38.89 -16.54 -4.74
CA GLU B 449 -39.97 -16.47 -5.71
C GLU B 449 -39.86 -15.28 -6.65
N ASP B 450 -39.61 -14.08 -6.14
CA ASP B 450 -39.48 -12.90 -6.98
C ASP B 450 -38.04 -12.64 -7.39
N ASN B 451 -37.10 -13.42 -6.89
CA ASN B 451 -35.70 -13.29 -7.28
C ASN B 451 -35.19 -11.86 -7.07
N ALA B 452 -35.51 -11.33 -5.89
CA ALA B 452 -35.12 -9.96 -5.53
C ALA B 452 -34.69 -9.94 -4.07
N VAL B 453 -33.85 -8.96 -3.74
CA VAL B 453 -33.31 -8.85 -2.39
C VAL B 453 -33.53 -7.44 -1.87
N THR B 454 -33.28 -7.27 -0.57
CA THR B 454 -33.51 -6.01 0.11
C THR B 454 -32.18 -5.34 0.38
N VAL B 455 -31.95 -4.19 -0.23
CA VAL B 455 -30.77 -3.39 0.04
C VAL B 455 -31.11 -2.40 1.13
N ARG B 456 -30.25 -2.32 2.13
CA ARG B 456 -30.42 -1.46 3.29
C ARG B 456 -29.24 -0.51 3.32
N GLU B 457 -29.54 0.79 3.38
CA GLU B 457 -28.52 1.83 3.41
C GLU B 457 -28.14 2.10 4.85
N ARG B 458 -26.85 2.19 5.11
CA ARG B 458 -26.34 2.21 6.47
C ARG B 458 -26.89 3.38 7.27
N ASP B 459 -26.64 4.60 6.81
CA ASP B 459 -27.00 5.76 7.62
C ASP B 459 -28.50 5.86 7.80
N SER B 460 -29.23 5.94 6.69
CA SER B 460 -30.66 6.17 6.77
C SER B 460 -31.41 4.95 7.26
N MET B 461 -30.81 3.76 7.18
CA MET B 461 -31.48 2.50 7.49
C MET B 461 -32.67 2.26 6.57
N ALA B 462 -32.80 3.05 5.50
CA ALA B 462 -33.87 2.87 4.53
C ALA B 462 -33.60 1.63 3.68
N GLN B 463 -34.68 0.97 3.27
CA GLN B 463 -34.60 -0.29 2.54
C GLN B 463 -35.35 -0.21 1.23
N GLU B 464 -34.83 -0.90 0.23
CA GLU B 464 -35.36 -0.87 -1.12
C GLU B 464 -35.17 -2.27 -1.70
N ARG B 465 -36.23 -2.81 -2.30
CA ARG B 465 -36.18 -4.15 -2.88
C ARG B 465 -35.82 -4.05 -4.35
N ILE B 466 -34.76 -4.75 -4.75
CA ILE B 466 -34.26 -4.69 -6.13
C ILE B 466 -33.98 -6.10 -6.62
N SER B 467 -34.29 -6.36 -7.88
CA SER B 467 -33.99 -7.64 -8.49
C SER B 467 -32.50 -7.94 -8.37
N ILE B 468 -32.19 -9.23 -8.27
CA ILE B 468 -30.80 -9.63 -8.07
C ILE B 468 -29.96 -9.29 -9.31
N ASP B 469 -30.51 -9.51 -10.50
CA ASP B 469 -29.71 -9.37 -11.71
C ASP B 469 -29.31 -7.91 -11.95
N GLN B 470 -29.78 -7.00 -11.09
CA GLN B 470 -29.36 -5.61 -11.16
C GLN B 470 -28.59 -5.14 -9.94
N VAL B 471 -28.58 -5.92 -8.86
CA VAL B 471 -27.99 -5.49 -7.59
C VAL B 471 -26.60 -4.90 -7.82
N THR B 472 -25.73 -5.68 -8.46
CA THR B 472 -24.37 -5.20 -8.72
C THR B 472 -24.41 -3.76 -9.24
N ASP B 473 -25.11 -3.54 -10.35
CA ASP B 473 -25.21 -2.20 -10.92
C ASP B 473 -25.62 -1.18 -9.85
N TYR B 474 -26.73 -1.44 -9.15
CA TYR B 474 -27.18 -0.62 -8.02
C TYR B 474 -25.99 -0.23 -7.15
N LEU B 475 -25.37 -1.24 -6.52
CA LEU B 475 -24.30 -0.95 -5.59
C LEU B 475 -23.21 -0.13 -6.25
N ALA B 476 -22.87 -0.47 -7.50
CA ALA B 476 -21.77 0.22 -8.17
C ALA B 476 -21.99 1.72 -8.13
N VAL B 477 -23.18 2.17 -8.53
CA VAL B 477 -23.38 3.61 -8.69
C VAL B 477 -23.22 4.30 -7.35
N ARG B 478 -23.56 3.60 -6.27
CA ARG B 478 -23.54 4.20 -4.95
C ARG B 478 -22.20 4.05 -4.23
N LEU B 479 -21.33 3.15 -4.70
CA LEU B 479 -20.07 2.97 -4.00
C LEU B 479 -18.98 3.89 -4.55
N LYS B 480 -19.13 4.36 -5.78
CA LYS B 480 -18.31 5.44 -6.32
C LYS B 480 -16.85 5.02 -6.47
N GLY B 481 -16.63 3.79 -6.90
CA GLY B 481 -15.32 3.35 -7.32
C GLY B 481 -14.98 3.85 -8.72
N CYS B 482 -13.85 3.36 -9.21
CA CYS B 482 -13.37 3.73 -10.55
C CYS B 482 -14.11 2.95 -11.63
P AMP C . 10.36 -17.52 1.71
O1P AMP C . 9.97 -18.89 1.21
O2P AMP C . 11.83 -17.34 1.95
O3P AMP C . 9.47 -16.96 2.80
O5' AMP C . 10.20 -16.57 0.46
C5' AMP C . 8.98 -16.47 -0.27
C4' AMP C . 9.14 -15.66 -1.53
O4' AMP C . 9.66 -14.34 -1.22
C3' AMP C . 10.15 -16.21 -2.53
O3' AMP C . 9.64 -17.27 -3.33
C2' AMP C . 10.56 -14.98 -3.33
O2' AMP C . 9.66 -14.71 -4.40
C1' AMP C . 10.44 -13.85 -2.29
N9 AMP C . 11.75 -13.43 -1.77
C8 AMP C . 12.39 -13.94 -0.69
N7 AMP C . 13.58 -13.32 -0.51
C5 AMP C . 13.72 -12.42 -1.49
C6 AMP C . 14.77 -11.45 -1.88
N6 AMP C . 15.90 -11.34 -1.14
N1 AMP C . 14.52 -10.70 -2.99
C2 AMP C . 13.39 -10.81 -3.72
N3 AMP C . 12.41 -11.68 -3.41
C4 AMP C . 12.52 -12.49 -2.33
MG MG D . -12.31 -11.78 2.34
P AMP E . 6.66 15.63 8.31
O1P AMP E . 7.55 15.41 9.50
O2P AMP E . 5.95 16.96 8.35
O3P AMP E . 7.32 15.29 6.99
O5' AMP E . 5.48 14.58 8.48
C5' AMP E . 4.40 14.52 7.56
C4' AMP E . 3.21 13.77 8.11
O4' AMP E . 3.63 12.46 8.57
C3' AMP E . 2.55 14.39 9.34
O3' AMP E . 1.63 15.43 9.00
C2' AMP E . 1.88 13.19 10.02
O2' AMP E . 0.58 12.94 9.49
C1' AMP E . 2.80 12.03 9.63
N9 AMP E . 3.67 11.58 10.75
C8 AMP E . 4.85 12.13 11.09
N7 AMP E . 5.40 11.49 12.15
C5 AMP E . 4.55 10.51 12.52
C6 AMP E . 4.52 9.46 13.57
N6 AMP E . 5.52 9.33 14.47
N1 AMP E . 3.45 8.63 13.59
C2 AMP E . 2.44 8.74 12.71
N3 AMP E . 2.41 9.67 11.75
C4 AMP E . 3.41 10.57 11.59
ZN ZN F . 12.53 9.33 37.34
MG MG G . -0.31 10.92 -13.36
#